data_8TIA
#
_entry.id   8TIA
#
_cell.length_a   1.00
_cell.length_b   1.00
_cell.length_c   1.00
_cell.angle_alpha   90.00
_cell.angle_beta   90.00
_cell.angle_gamma   90.00
#
_symmetry.space_group_name_H-M   'P 1'
#
_entity_poly.entity_id   1
_entity_poly.type   'polypeptide(L)'
_entity_poly.pdbx_seq_one_letter_code
;MKSSHHHHHHENLYFQSNAKEQDLDQLNTLIGIANLKKVLSVWESNKLTNTSEKFWQSVLKENTWILSQIFSNPTVLIND
EAYVGGKTVKNDSGKLVDFLYANPFSKDAVLIAIKTPSTPLITPTEYRTGVYSAHKDLTGAVTQVLTYKTTLQREYQNID
YNNYRQGIKTDFDIITPCCVVIAGMFDTLTDTAHRHSFELYRKELKNVTVITFDELFERVKGLIKLLEG
;
_entity_poly.pdbx_strand_id   A,B,C,D
#
# COMPACT_ATOMS: atom_id res chain seq x y z
N GLN A 22 18.19 9.47 -40.74
CA GLN A 22 17.09 8.52 -40.64
C GLN A 22 17.55 7.13 -41.08
N ASP A 23 18.57 7.08 -41.92
CA ASP A 23 19.13 5.80 -42.34
C ASP A 23 19.76 5.06 -41.16
N LEU A 24 20.46 5.79 -40.29
CA LEU A 24 21.03 5.18 -39.10
C LEU A 24 19.95 4.67 -38.16
N ASP A 25 18.78 5.32 -38.16
CA ASP A 25 17.68 4.85 -37.33
C ASP A 25 17.24 3.45 -37.77
N GLN A 26 17.19 3.21 -39.07
CA GLN A 26 16.92 1.86 -39.56
C GLN A 26 18.03 0.91 -39.15
N LEU A 27 19.28 1.36 -39.18
CA LEU A 27 20.38 0.55 -38.70
C LEU A 27 20.24 0.27 -37.21
N ASN A 28 19.83 1.28 -36.43
CA ASN A 28 19.59 1.07 -35.00
C ASN A 28 18.47 0.06 -34.78
N THR A 29 17.44 0.08 -35.64
CA THR A 29 16.37 -0.90 -35.53
C THR A 29 16.89 -2.32 -35.70
N LEU A 30 17.72 -2.53 -36.73
CA LEU A 30 18.28 -3.86 -36.95
C LEU A 30 19.20 -4.28 -35.81
N ILE A 31 20.02 -3.35 -35.32
CA ILE A 31 20.92 -3.65 -34.21
C ILE A 31 20.13 -4.01 -32.97
N GLY A 32 19.07 -3.24 -32.68
CA GLY A 32 18.23 -3.57 -31.54
C GLY A 32 17.57 -4.93 -31.66
N ILE A 33 17.06 -5.24 -32.85
CA ILE A 33 16.45 -6.55 -33.07
C ILE A 33 17.49 -7.65 -32.96
N ALA A 34 18.68 -7.43 -33.54
CA ALA A 34 19.71 -8.45 -33.52
C ALA A 34 20.14 -8.80 -32.10
N ASN A 35 20.26 -7.79 -31.23
CA ASN A 35 20.57 -8.06 -29.83
C ASN A 35 19.46 -8.85 -29.16
N LEU A 36 18.21 -8.49 -29.44
CA LEU A 36 17.08 -9.17 -28.81
C LEU A 36 16.97 -10.62 -29.25
N LYS A 37 17.27 -10.92 -30.52
CA LYS A 37 17.19 -12.29 -31.01
C LYS A 37 18.16 -13.20 -30.27
N LYS A 38 19.38 -12.72 -30.03
CA LYS A 38 20.38 -13.53 -29.35
C LYS A 38 19.97 -13.80 -27.90
N VAL A 39 19.35 -12.82 -27.24
CA VAL A 39 18.89 -13.00 -25.87
C VAL A 39 17.84 -14.09 -25.80
N LEU A 40 16.89 -14.09 -26.74
CA LEU A 40 15.91 -15.16 -26.80
C LEU A 40 16.55 -16.47 -27.22
N SER A 41 17.62 -16.41 -28.02
CA SER A 41 18.25 -17.62 -28.51
C SER A 41 18.83 -18.45 -27.37
N VAL A 42 19.52 -17.79 -26.43
CA VAL A 42 20.07 -18.53 -25.29
C VAL A 42 18.94 -18.96 -24.35
N TRP A 43 17.92 -18.11 -24.17
CA TRP A 43 16.81 -18.47 -23.31
C TRP A 43 16.07 -19.69 -23.82
N GLU A 44 15.81 -19.74 -25.12
CA GLU A 44 15.14 -20.88 -25.72
C GLU A 44 16.07 -22.06 -25.98
N SER A 45 17.26 -22.05 -25.39
CA SER A 45 18.23 -23.13 -25.57
C SER A 45 18.70 -23.77 -24.28
N ASN A 46 18.74 -23.01 -23.17
CA ASN A 46 19.23 -23.57 -21.91
C ASN A 46 18.38 -23.12 -20.72
N LYS A 47 17.09 -22.90 -20.93
CA LYS A 47 16.19 -22.56 -19.83
C LYS A 47 15.85 -23.74 -18.94
N LEU A 48 16.22 -24.96 -19.35
CA LEU A 48 15.93 -26.16 -18.58
C LEU A 48 17.19 -26.80 -18.02
N THR A 49 18.24 -26.92 -18.83
CA THR A 49 19.46 -27.59 -18.37
C THR A 49 20.26 -26.70 -17.44
N ASN A 50 20.67 -25.52 -17.93
CA ASN A 50 21.50 -24.63 -17.13
C ASN A 50 20.65 -23.93 -16.07
N THR A 51 20.93 -24.24 -14.80
CA THR A 51 20.16 -23.66 -13.70
C THR A 51 21.05 -23.03 -12.63
N SER A 52 22.23 -22.56 -13.00
CA SER A 52 23.12 -21.90 -12.05
C SER A 52 22.81 -20.42 -11.99
N GLU A 53 22.80 -19.86 -10.78
CA GLU A 53 22.45 -18.45 -10.62
C GLU A 53 23.50 -17.55 -11.27
N LYS A 54 24.77 -17.92 -11.18
CA LYS A 54 25.84 -17.09 -11.74
C LYS A 54 25.69 -16.94 -13.26
N PHE A 55 25.34 -18.04 -13.93
CA PHE A 55 25.20 -18.00 -15.39
C PHE A 55 24.10 -17.03 -15.82
N TRP A 56 22.94 -17.09 -15.15
CA TRP A 56 21.82 -16.25 -15.57
C TRP A 56 22.04 -14.80 -15.18
N GLN A 57 22.80 -14.54 -14.12
CA GLN A 57 23.18 -13.17 -13.79
C GLN A 57 24.07 -12.58 -14.87
N SER A 58 25.03 -13.37 -15.37
CA SER A 58 25.95 -12.89 -16.38
C SER A 58 25.23 -12.54 -17.68
N VAL A 59 24.28 -13.39 -18.09
CA VAL A 59 23.56 -13.18 -19.33
C VAL A 59 22.78 -11.87 -19.29
N LEU A 60 22.05 -11.65 -18.19
CA LEU A 60 21.22 -10.45 -18.11
C LEU A 60 22.07 -9.20 -17.89
N LYS A 61 23.28 -9.36 -17.34
CA LYS A 61 24.17 -8.22 -17.15
C LYS A 61 24.56 -7.60 -18.50
N GLU A 62 24.88 -8.45 -19.48
CA GLU A 62 25.30 -7.95 -20.78
C GLU A 62 24.16 -7.34 -21.58
N ASN A 63 22.92 -7.61 -21.20
CA ASN A 63 21.76 -7.09 -21.92
C ASN A 63 20.96 -6.17 -21.01
N THR A 64 21.66 -5.30 -20.28
CA THR A 64 21.00 -4.45 -19.28
C THR A 64 20.02 -3.47 -19.91
N TRP A 65 20.30 -3.02 -21.14
CA TRP A 65 19.42 -2.05 -21.78
C TRP A 65 18.00 -2.59 -21.92
N ILE A 66 17.87 -3.92 -22.07
CA ILE A 66 16.54 -4.54 -22.08
C ILE A 66 15.85 -4.33 -20.74
N LEU A 67 16.59 -4.54 -19.64
CA LEU A 67 16.00 -4.42 -18.32
C LEU A 67 15.61 -2.99 -18.01
N SER A 68 16.33 -2.02 -18.58
CA SER A 68 16.00 -0.61 -18.34
C SER A 68 14.61 -0.27 -18.86
N GLN A 69 14.27 -0.78 -20.04
CA GLN A 69 12.95 -0.50 -20.61
C GLN A 69 11.86 -1.31 -19.90
N ILE A 70 12.16 -2.57 -19.55
CA ILE A 70 11.16 -3.43 -18.94
C ILE A 70 10.71 -2.86 -17.60
N PHE A 71 11.67 -2.42 -16.77
CA PHE A 71 11.37 -1.88 -15.46
C PHE A 71 11.25 -0.36 -15.46
N SER A 72 11.34 0.28 -16.63
CA SER A 72 11.15 1.72 -16.77
C SER A 72 12.07 2.50 -15.85
N ASN A 73 13.35 2.15 -15.87
CA ASN A 73 14.33 2.83 -15.04
C ASN A 73 15.67 2.89 -15.77
N PRO A 74 16.19 4.09 -16.05
CA PRO A 74 17.48 4.18 -16.77
C PRO A 74 18.64 3.55 -16.04
N THR A 75 18.64 3.59 -14.71
CA THR A 75 19.75 3.07 -13.90
C THR A 75 19.28 1.84 -13.14
N VAL A 76 20.03 0.74 -13.27
CA VAL A 76 19.73 -0.49 -12.55
C VAL A 76 20.96 -0.90 -11.75
N LEU A 77 20.73 -1.70 -10.73
CA LEU A 77 21.80 -2.19 -9.85
C LEU A 77 21.73 -3.71 -9.82
N ILE A 78 22.78 -4.36 -10.34
CA ILE A 78 22.88 -5.81 -10.36
C ILE A 78 24.15 -6.21 -9.62
N ASN A 79 24.01 -7.08 -8.62
CA ASN A 79 25.13 -7.52 -7.79
C ASN A 79 25.88 -6.33 -7.20
N ASP A 80 27.17 -6.22 -7.52
CA ASP A 80 28.02 -5.14 -7.03
C ASP A 80 28.38 -4.15 -8.14
N GLU A 81 27.56 -4.08 -9.19
CA GLU A 81 27.82 -3.21 -10.33
C GLU A 81 26.57 -2.44 -10.69
N ALA A 82 26.76 -1.26 -11.28
CA ALA A 82 25.69 -0.40 -11.70
C ALA A 82 25.79 -0.14 -13.19
N TYR A 83 24.65 -0.16 -13.88
CA TYR A 83 24.58 0.08 -15.32
C TYR A 83 23.57 1.19 -15.58
N VAL A 84 24.00 2.23 -16.29
CA VAL A 84 23.12 3.35 -16.65
C VAL A 84 22.87 3.29 -18.15
N GLY A 85 21.60 3.13 -18.53
CA GLY A 85 21.25 3.07 -19.94
C GLY A 85 21.93 1.94 -20.69
N GLY A 86 22.10 0.80 -20.04
CA GLY A 86 22.77 -0.32 -20.67
C GLY A 86 24.27 -0.19 -20.78
N LYS A 87 24.86 0.82 -20.14
CA LYS A 87 26.29 1.06 -20.21
C LYS A 87 26.92 0.75 -18.86
N THR A 88 28.02 0.00 -18.87
CA THR A 88 28.70 -0.39 -17.64
C THR A 88 29.42 0.82 -17.05
N VAL A 89 28.91 1.34 -15.95
CA VAL A 89 29.54 2.48 -15.28
C VAL A 89 30.66 1.96 -14.38
N LYS A 90 31.89 2.05 -14.85
CA LYS A 90 33.03 1.56 -14.08
C LYS A 90 33.27 2.46 -12.87
N ASN A 91 33.41 1.83 -11.71
CA ASN A 91 33.69 2.53 -10.45
C ASN A 91 35.00 2.00 -9.90
N ASP A 92 35.99 2.88 -9.76
CA ASP A 92 37.31 2.47 -9.29
C ASP A 92 37.26 2.00 -7.84
N SER A 93 36.44 2.66 -7.01
CA SER A 93 36.37 2.30 -5.59
C SER A 93 35.83 0.88 -5.41
N GLY A 94 35.03 0.41 -6.36
CA GLY A 94 34.46 -0.92 -6.26
C GLY A 94 33.25 -1.03 -5.38
N LYS A 95 32.75 0.08 -4.83
CA LYS A 95 31.60 0.09 -3.93
C LYS A 95 30.42 0.69 -4.69
N LEU A 96 29.31 -0.05 -4.73
CA LEU A 96 28.11 0.45 -5.39
C LEU A 96 27.62 1.74 -4.74
N VAL A 97 27.77 1.85 -3.42
CA VAL A 97 27.29 3.03 -2.70
C VAL A 97 28.04 4.28 -3.12
N ASP A 98 29.35 4.13 -3.35
CA ASP A 98 30.16 5.29 -3.75
C ASP A 98 29.67 5.89 -5.05
N PHE A 99 29.33 5.04 -6.03
CA PHE A 99 28.76 5.53 -7.28
C PHE A 99 27.43 6.23 -7.04
N LEU A 100 26.56 5.63 -6.21
CA LEU A 100 25.24 6.20 -5.98
C LEU A 100 25.33 7.57 -5.32
N TYR A 101 26.23 7.72 -4.34
CA TYR A 101 26.41 9.03 -3.71
C TYR A 101 27.01 10.03 -4.68
N ALA A 102 27.93 9.58 -5.54
CA ALA A 102 28.60 10.49 -6.47
C ALA A 102 27.60 11.09 -7.46
N ASN A 103 26.68 10.29 -7.99
CA ASN A 103 25.73 10.76 -8.98
C ASN A 103 24.35 10.90 -8.37
N PRO A 104 23.86 12.12 -8.13
CA PRO A 104 22.51 12.28 -7.58
C PRO A 104 21.40 11.79 -8.49
N PHE A 105 21.68 11.60 -9.79
CA PHE A 105 20.65 11.16 -10.71
C PHE A 105 20.14 9.77 -10.35
N SER A 106 21.05 8.87 -9.97
CA SER A 106 20.66 7.50 -9.67
C SER A 106 20.19 7.35 -8.23
N LYS A 107 19.21 8.17 -7.83
CA LYS A 107 18.58 8.04 -6.52
C LYS A 107 17.27 7.29 -6.58
N ASP A 108 16.89 6.77 -7.74
CA ASP A 108 15.69 5.97 -7.90
C ASP A 108 16.02 4.76 -8.75
N ALA A 109 17.19 4.18 -8.53
CA ALA A 109 17.64 3.01 -9.27
C ALA A 109 16.83 1.79 -8.87
N VAL A 110 16.86 0.76 -9.71
CA VAL A 110 16.12 -0.47 -9.46
C VAL A 110 17.14 -1.55 -9.12
N LEU A 111 16.96 -2.17 -7.95
CA LEU A 111 17.84 -3.25 -7.51
C LEU A 111 17.27 -4.57 -8.01
N ILE A 112 18.06 -5.31 -8.77
CA ILE A 112 17.60 -6.54 -9.41
C ILE A 112 18.43 -7.71 -8.88
N ALA A 113 17.74 -8.75 -8.43
CA ALA A 113 18.36 -9.99 -7.99
C ALA A 113 17.93 -11.08 -8.97
N ILE A 114 18.90 -11.71 -9.62
CA ILE A 114 18.63 -12.70 -10.66
C ILE A 114 18.88 -14.08 -10.08
N LYS A 115 17.84 -14.91 -10.02
CA LYS A 115 17.94 -16.28 -9.54
C LYS A 115 17.85 -17.23 -10.72
N THR A 116 17.95 -18.53 -10.41
CA THR A 116 17.78 -19.54 -11.44
C THR A 116 16.32 -19.60 -11.88
N PRO A 117 16.06 -19.86 -13.16
CA PRO A 117 14.66 -20.00 -13.61
C PRO A 117 13.95 -21.20 -12.99
N SER A 118 14.68 -22.19 -12.51
CA SER A 118 14.08 -23.35 -11.84
C SER A 118 13.90 -23.12 -10.34
N THR A 119 13.28 -21.99 -10.00
CA THR A 119 13.01 -21.64 -8.62
C THR A 119 11.52 -21.82 -8.35
N PRO A 120 11.13 -22.70 -7.44
CA PRO A 120 9.70 -22.85 -7.14
C PRO A 120 9.08 -21.55 -6.64
N LEU A 121 7.86 -21.29 -7.08
CA LEU A 121 7.14 -20.08 -6.69
C LEU A 121 6.06 -20.33 -5.65
N ILE A 122 5.48 -21.53 -5.60
CA ILE A 122 4.47 -21.87 -4.62
C ILE A 122 4.82 -23.23 -4.02
N THR A 123 4.35 -23.45 -2.79
CA THR A 123 4.57 -24.73 -2.14
C THR A 123 3.83 -25.82 -2.90
N PRO A 124 4.44 -26.99 -3.14
CA PRO A 124 3.73 -28.03 -3.90
C PRO A 124 2.45 -28.50 -3.23
N THR A 125 2.42 -28.54 -1.90
CA THR A 125 1.21 -28.93 -1.21
C THR A 125 0.24 -27.75 -1.11
N GLU A 126 -0.90 -28.00 -0.49
CA GLU A 126 -1.96 -27.01 -0.34
C GLU A 126 -2.08 -26.59 1.12
N TYR A 127 -1.98 -25.28 1.36
CA TYR A 127 -2.26 -24.76 2.69
C TYR A 127 -3.73 -24.99 3.06
N ARG A 128 -4.63 -24.66 2.14
CA ARG A 128 -6.05 -24.93 2.29
C ARG A 128 -6.62 -25.37 0.95
N THR A 129 -7.94 -25.40 0.82
CA THR A 129 -8.61 -25.77 -0.42
C THR A 129 -8.51 -24.60 -1.39
N GLY A 130 -7.64 -24.73 -2.38
CA GLY A 130 -7.47 -23.70 -3.40
C GLY A 130 -6.53 -22.57 -3.03
N VAL A 131 -5.73 -22.72 -1.99
CA VAL A 131 -4.78 -21.70 -1.56
C VAL A 131 -3.40 -22.34 -1.51
N TYR A 132 -2.44 -21.74 -2.20
CA TYR A 132 -1.06 -22.21 -2.22
C TYR A 132 -0.15 -21.12 -1.69
N SER A 133 0.64 -21.45 -0.67
CA SER A 133 1.56 -20.50 -0.08
C SER A 133 2.84 -20.38 -0.90
N ALA A 134 3.50 -19.24 -0.76
CA ALA A 134 4.74 -19.00 -1.50
C ALA A 134 5.85 -19.93 -1.02
N HIS A 135 6.65 -20.41 -1.96
CA HIS A 135 7.73 -21.33 -1.65
C HIS A 135 8.83 -20.62 -0.87
N LYS A 136 9.66 -21.41 -0.18
CA LYS A 136 10.72 -20.85 0.63
C LYS A 136 11.69 -20.02 -0.21
N ASP A 137 12.08 -20.55 -1.37
CA ASP A 137 13.07 -19.87 -2.21
C ASP A 137 12.55 -18.52 -2.71
N LEU A 138 11.28 -18.47 -3.10
CA LEU A 138 10.73 -17.22 -3.63
C LEU A 138 10.65 -16.16 -2.55
N THR A 139 10.07 -16.49 -1.39
CA THR A 139 9.95 -15.50 -0.34
C THR A 139 11.28 -15.21 0.34
N GLY A 140 12.24 -16.15 0.23
CA GLY A 140 13.57 -15.86 0.75
C GLY A 140 14.28 -14.79 -0.05
N ALA A 141 14.13 -14.82 -1.38
CA ALA A 141 14.75 -13.79 -2.22
C ALA A 141 14.13 -12.43 -1.95
N VAL A 142 12.81 -12.38 -1.74
CA VAL A 142 12.15 -11.11 -1.46
C VAL A 142 12.66 -10.51 -0.16
N THR A 143 12.90 -11.36 0.84
CA THR A 143 13.47 -10.87 2.09
C THR A 143 14.93 -10.44 1.89
N GLN A 144 15.67 -11.17 1.07
CA GLN A 144 17.09 -10.87 0.87
C GLN A 144 17.28 -9.51 0.20
N VAL A 145 16.47 -9.21 -0.82
CA VAL A 145 16.64 -7.94 -1.54
C VAL A 145 16.29 -6.76 -0.64
N LEU A 146 15.27 -6.92 0.21
CA LEU A 146 14.96 -5.88 1.18
C LEU A 146 16.10 -5.72 2.18
N THR A 147 16.71 -6.83 2.61
CA THR A 147 17.88 -6.75 3.47
C THR A 147 19.04 -6.06 2.74
N TYR A 148 19.24 -6.42 1.47
CA TYR A 148 20.30 -5.77 0.68
C TYR A 148 20.01 -4.29 0.50
N LYS A 149 18.73 -3.94 0.30
CA LYS A 149 18.35 -2.54 0.15
C LYS A 149 18.66 -1.74 1.41
N THR A 150 18.38 -2.33 2.59
CA THR A 150 18.61 -1.63 3.83
C THR A 150 20.10 -1.37 4.07
N THR A 151 20.95 -2.34 3.70
CA THR A 151 22.38 -2.18 3.85
C THR A 151 22.90 -1.02 2.99
N LEU A 152 22.41 -0.93 1.75
CA LEU A 152 22.81 0.16 0.88
C LEU A 152 22.34 1.51 1.44
N GLN A 153 21.13 1.53 2.01
CA GLN A 153 20.60 2.78 2.57
C GLN A 153 21.47 3.28 3.72
N ARG A 154 21.91 2.37 4.59
CA ARG A 154 22.73 2.80 5.73
C ARG A 154 24.12 3.22 5.28
N GLU A 155 24.71 2.49 4.32
CA GLU A 155 26.02 2.86 3.82
C GLU A 155 25.99 4.23 3.15
N TYR A 156 24.93 4.51 2.39
CA TYR A 156 24.76 5.85 1.84
C TYR A 156 24.58 6.86 2.96
N GLN A 157 23.80 6.53 3.98
CA GLN A 157 23.63 7.42 5.12
C GLN A 157 24.94 7.61 5.87
N ASN A 158 25.72 6.53 6.01
CA ASN A 158 27.00 6.63 6.70
C ASN A 158 27.94 7.58 6.00
N ILE A 159 27.99 7.52 4.66
CA ILE A 159 28.83 8.44 3.89
C ILE A 159 28.37 9.87 4.10
N ASP A 160 27.04 10.08 4.12
CA ASP A 160 26.51 11.43 4.31
C ASP A 160 26.91 11.98 5.67
N TYR A 161 26.89 11.13 6.71
CA TYR A 161 27.32 11.57 8.04
C TYR A 161 28.79 11.97 8.04
N ASN A 162 29.63 11.17 7.40
CA ASN A 162 31.06 11.45 7.38
C ASN A 162 31.36 12.75 6.63
N ASN A 163 30.69 12.97 5.50
CA ASN A 163 30.88 14.21 4.76
C ASN A 163 30.41 15.40 5.59
N TYR A 164 29.27 15.26 6.28
CA TYR A 164 28.83 16.31 7.19
C TYR A 164 29.80 16.48 8.35
N ARG A 165 30.32 15.37 8.88
CA ARG A 165 31.31 15.45 9.96
C ARG A 165 32.58 16.14 9.49
N GLN A 166 33.07 15.77 8.30
CA GLN A 166 34.26 16.41 7.76
C GLN A 166 33.99 17.85 7.36
N GLY A 167 32.83 18.11 6.76
CA GLY A 167 32.47 19.45 6.33
C GLY A 167 32.03 19.51 4.89
N ASP A 173 20.37 12.63 2.05
CA ASP A 173 19.05 12.02 1.91
C ASP A 173 19.12 10.50 2.02
N ILE A 174 18.17 9.82 1.40
CA ILE A 174 18.11 8.37 1.39
C ILE A 174 17.84 7.89 -0.02
N ILE A 175 18.55 6.85 -0.44
CA ILE A 175 18.41 6.36 -1.81
C ILE A 175 17.01 5.82 -2.06
N THR A 176 16.54 4.93 -1.18
CA THR A 176 15.28 4.21 -1.32
C THR A 176 15.12 3.63 -2.74
N PRO A 177 16.02 2.73 -3.14
CA PRO A 177 15.92 2.17 -4.49
C PRO A 177 14.82 1.12 -4.59
N CYS A 178 14.30 0.96 -5.80
CA CYS A 178 13.31 -0.09 -6.04
C CYS A 178 13.99 -1.45 -6.08
N CYS A 179 13.25 -2.47 -5.67
CA CYS A 179 13.75 -3.84 -5.63
C CYS A 179 12.91 -4.72 -6.55
N VAL A 180 13.59 -5.52 -7.38
CA VAL A 180 12.94 -6.42 -8.32
C VAL A 180 13.59 -7.80 -8.18
N VAL A 181 12.75 -8.83 -8.09
CA VAL A 181 13.21 -10.21 -8.00
C VAL A 181 12.79 -10.94 -9.27
N ILE A 182 13.75 -11.58 -9.93
CA ILE A 182 13.51 -12.33 -11.16
C ILE A 182 13.84 -13.79 -10.86
N ALA A 183 12.81 -14.60 -10.64
CA ALA A 183 13.02 -15.99 -10.29
C ALA A 183 11.80 -16.81 -10.69
N GLY A 184 12.05 -18.04 -11.11
CA GLY A 184 10.98 -18.98 -11.40
C GLY A 184 10.38 -18.77 -12.78
N MET A 185 9.57 -19.76 -13.19
CA MET A 185 8.85 -19.72 -14.44
C MET A 185 7.37 -19.94 -14.18
N PHE A 186 6.53 -19.38 -15.06
CA PHE A 186 5.09 -19.55 -14.94
C PHE A 186 4.61 -20.91 -15.43
N ASP A 187 5.49 -21.71 -16.02
CA ASP A 187 5.08 -23.03 -16.52
C ASP A 187 4.69 -23.95 -15.37
N THR A 188 5.36 -23.83 -14.23
CA THR A 188 5.09 -24.71 -13.10
C THR A 188 3.70 -24.47 -12.50
N LEU A 189 3.09 -23.31 -12.80
CA LEU A 189 1.76 -22.98 -12.29
C LEU A 189 0.70 -23.54 -13.24
N THR A 190 0.55 -24.86 -13.21
CA THR A 190 -0.38 -25.56 -14.09
C THR A 190 -1.76 -25.73 -13.45
N ASP A 191 -2.33 -24.62 -12.97
CA ASP A 191 -3.66 -24.65 -12.35
C ASP A 191 -4.10 -23.22 -12.13
N THR A 192 -5.43 -23.02 -12.15
CA THR A 192 -5.99 -21.71 -11.85
C THR A 192 -5.67 -21.30 -10.42
N ALA A 193 -5.75 -22.24 -9.48
CA ALA A 193 -5.41 -21.96 -8.10
C ALA A 193 -3.92 -21.60 -7.96
N HIS A 194 -3.07 -22.30 -8.71
CA HIS A 194 -1.64 -22.00 -8.67
C HIS A 194 -1.35 -20.58 -9.12
N ARG A 195 -1.99 -20.14 -10.22
CA ARG A 195 -1.73 -18.82 -10.75
C ARG A 195 -2.37 -17.73 -9.89
N HIS A 196 -3.58 -17.98 -9.40
CA HIS A 196 -4.25 -16.99 -8.56
C HIS A 196 -3.53 -16.80 -7.23
N SER A 197 -3.03 -17.88 -6.63
CA SER A 197 -2.30 -17.76 -5.38
C SER A 197 -1.02 -16.97 -5.56
N PHE A 198 -0.31 -17.23 -6.65
CA PHE A 198 0.94 -16.52 -6.92
C PHE A 198 0.70 -15.03 -7.12
N GLU A 199 -0.38 -14.67 -7.83
CA GLU A 199 -0.69 -13.26 -8.06
C GLU A 199 -1.02 -12.54 -6.76
N LEU A 200 -1.78 -13.19 -5.89
CA LEU A 200 -2.12 -12.57 -4.61
C LEU A 200 -0.89 -12.33 -3.76
N TYR A 201 0.20 -13.05 -4.04
CA TYR A 201 1.44 -12.83 -3.29
C TYR A 201 2.23 -11.66 -3.86
N ARG A 202 2.58 -11.72 -5.15
CA ARG A 202 3.46 -10.71 -5.72
C ARG A 202 2.78 -9.37 -5.95
N LYS A 203 1.45 -9.34 -6.04
CA LYS A 203 0.74 -8.07 -6.18
C LYS A 203 0.44 -7.40 -4.85
N GLU A 204 0.86 -8.02 -3.75
CA GLU A 204 0.68 -7.46 -2.43
C GLU A 204 1.92 -6.76 -1.90
N LEU A 205 3.10 -7.08 -2.44
CA LEU A 205 4.32 -6.42 -2.01
C LEU A 205 4.32 -4.96 -2.44
N LYS A 206 4.81 -4.08 -1.56
CA LYS A 206 4.83 -2.66 -1.84
C LYS A 206 6.03 -2.24 -2.67
N ASN A 207 7.23 -2.64 -2.27
CA ASN A 207 8.46 -2.14 -2.89
C ASN A 207 9.24 -3.23 -3.59
N VAL A 208 8.66 -4.41 -3.79
CA VAL A 208 9.31 -5.51 -4.48
C VAL A 208 8.41 -5.98 -5.60
N THR A 209 8.97 -6.10 -6.80
CA THR A 209 8.27 -6.60 -7.97
C THR A 209 8.87 -7.97 -8.33
N VAL A 210 8.02 -8.99 -8.38
CA VAL A 210 8.43 -10.34 -8.71
C VAL A 210 7.97 -10.64 -10.13
N ILE A 211 8.90 -10.88 -11.03
CA ILE A 211 8.61 -11.22 -12.43
C ILE A 211 9.33 -12.52 -12.75
N THR A 212 8.60 -13.48 -13.31
CA THR A 212 9.17 -14.75 -13.65
C THR A 212 10.07 -14.64 -14.89
N PHE A 213 10.89 -15.67 -15.10
CA PHE A 213 11.71 -15.72 -16.30
C PHE A 213 10.85 -15.85 -17.55
N ASP A 214 9.76 -16.60 -17.47
CA ASP A 214 8.85 -16.71 -18.61
C ASP A 214 8.22 -15.36 -18.93
N GLU A 215 7.82 -14.61 -17.91
CA GLU A 215 7.29 -13.28 -18.13
C GLU A 215 8.36 -12.33 -18.65
N LEU A 216 9.59 -12.46 -18.15
CA LEU A 216 10.66 -11.57 -18.56
C LEU A 216 10.94 -11.67 -20.05
N PHE A 217 11.12 -12.90 -20.55
CA PHE A 217 11.48 -13.08 -21.94
C PHE A 217 10.28 -12.97 -22.88
N GLU A 218 9.05 -13.08 -22.36
CA GLU A 218 7.90 -12.88 -23.21
C GLU A 218 7.75 -11.42 -23.59
N ARG A 219 8.14 -10.51 -22.70
CA ARG A 219 8.16 -9.10 -23.06
C ARG A 219 9.32 -8.80 -24.00
N VAL A 220 10.40 -9.58 -23.94
CA VAL A 220 11.47 -9.44 -24.92
C VAL A 220 10.94 -9.75 -26.31
N LYS A 221 10.07 -10.75 -26.43
CA LYS A 221 9.40 -11.02 -27.69
C LYS A 221 8.53 -9.85 -28.12
N GLY A 222 7.86 -9.20 -27.16
CA GLY A 222 7.04 -8.05 -27.49
C GLY A 222 7.84 -6.90 -28.05
N LEU A 223 9.05 -6.68 -27.53
CA LEU A 223 9.92 -5.65 -28.07
C LEU A 223 10.31 -5.95 -29.51
N ILE A 224 10.58 -7.22 -29.80
CA ILE A 224 10.90 -7.61 -31.18
C ILE A 224 9.72 -7.34 -32.10
N LYS A 225 8.51 -7.69 -31.65
CA LYS A 225 7.32 -7.45 -32.44
C LYS A 225 7.11 -5.96 -32.69
N LEU A 226 7.31 -5.15 -31.65
CA LEU A 226 7.16 -3.70 -31.82
C LEU A 226 8.21 -3.16 -32.79
N LEU A 227 9.45 -3.61 -32.67
CA LEU A 227 10.50 -3.13 -33.56
C LEU A 227 10.24 -3.60 -35.00
N GLU A 228 9.82 -4.83 -35.18
CA GLU A 228 9.52 -5.35 -36.51
C GLU A 228 8.21 -4.77 -37.04
N GLY B 32 9.08 0.60 -37.44
CA GLY B 32 10.15 0.43 -36.47
C GLY B 32 10.36 1.63 -35.58
N ILE B 33 11.60 2.11 -35.51
CA ILE B 33 11.89 3.28 -34.71
C ILE B 33 11.21 4.52 -35.30
N ALA B 34 11.10 4.58 -36.63
CA ALA B 34 10.39 5.68 -37.26
C ALA B 34 8.94 5.72 -36.79
N ASN B 35 8.34 4.56 -36.54
CA ASN B 35 7.00 4.52 -35.96
C ASN B 35 7.00 5.12 -34.56
N LEU B 36 8.04 4.82 -33.78
CA LEU B 36 8.15 5.38 -32.44
C LEU B 36 8.27 6.89 -32.48
N LYS B 37 9.07 7.42 -33.42
CA LYS B 37 9.20 8.86 -33.55
C LYS B 37 7.89 9.49 -34.00
N LYS B 38 7.12 8.78 -34.83
CA LYS B 38 5.82 9.30 -35.26
C LYS B 38 4.88 9.48 -34.08
N VAL B 39 4.91 8.53 -33.13
CA VAL B 39 4.07 8.64 -31.94
C VAL B 39 4.43 9.89 -31.15
N LEU B 40 5.74 10.15 -30.99
CA LEU B 40 6.17 11.34 -30.28
C LEU B 40 5.72 12.61 -30.99
N SER B 41 5.81 12.62 -32.33
CA SER B 41 5.37 13.78 -33.10
C SER B 41 3.89 14.06 -32.87
N VAL B 42 3.08 13.00 -32.84
CA VAL B 42 1.67 13.17 -32.51
C VAL B 42 1.51 13.70 -31.09
N TRP B 43 2.29 13.14 -30.15
CA TRP B 43 2.22 13.57 -28.76
C TRP B 43 2.61 15.04 -28.61
N GLU B 44 3.70 15.45 -29.29
CA GLU B 44 4.16 16.82 -29.17
C GLU B 44 3.20 17.80 -29.83
N SER B 45 2.59 17.40 -30.95
CA SER B 45 1.73 18.31 -31.69
C SER B 45 0.50 18.69 -30.88
N ASN B 46 -0.11 17.72 -30.21
CA ASN B 46 -1.30 17.94 -29.39
C ASN B 46 -0.99 17.93 -27.90
N LYS B 47 0.25 18.20 -27.52
CA LYS B 47 0.63 18.14 -26.11
C LYS B 47 -0.12 19.15 -25.27
N LEU B 48 -0.30 20.37 -25.79
CA LEU B 48 -0.91 21.46 -25.03
C LEU B 48 -2.10 22.06 -25.77
N THR B 49 -2.64 21.35 -26.76
CA THR B 49 -3.78 21.87 -27.51
C THR B 49 -5.01 21.00 -27.35
N ASN B 50 -4.87 19.70 -27.57
CA ASN B 50 -6.01 18.79 -27.50
C ASN B 50 -6.51 18.66 -26.08
N THR B 51 -7.83 18.76 -25.91
CA THR B 51 -8.47 18.66 -24.59
C THR B 51 -9.66 17.71 -24.65
N SER B 52 -9.64 16.72 -25.53
CA SER B 52 -10.71 15.76 -25.68
C SER B 52 -10.20 14.37 -25.29
N GLU B 53 -10.92 13.71 -24.37
CA GLU B 53 -10.50 12.39 -23.93
C GLU B 53 -10.62 11.36 -25.03
N LYS B 54 -11.54 11.57 -25.99
CA LYS B 54 -11.73 10.62 -27.07
C LYS B 54 -10.50 10.52 -27.96
N PHE B 55 -9.87 11.66 -28.24
CA PHE B 55 -8.68 11.64 -29.09
C PHE B 55 -7.56 10.82 -28.45
N TRP B 56 -7.27 11.09 -27.17
CA TRP B 56 -6.23 10.33 -26.48
C TRP B 56 -6.64 8.88 -26.28
N GLN B 57 -7.94 8.61 -26.24
CA GLN B 57 -8.42 7.23 -26.24
C GLN B 57 -7.99 6.52 -27.52
N SER B 58 -8.11 7.20 -28.66
CA SER B 58 -7.76 6.58 -29.94
C SER B 58 -6.25 6.39 -30.06
N VAL B 59 -5.47 7.37 -29.62
CA VAL B 59 -4.02 7.32 -29.80
C VAL B 59 -3.43 6.12 -29.07
N LEU B 60 -3.88 5.89 -27.83
CA LEU B 60 -3.40 4.73 -27.09
C LEU B 60 -4.02 3.45 -27.60
N LYS B 61 -5.23 3.51 -28.15
CA LYS B 61 -5.86 2.30 -28.69
C LYS B 61 -5.19 1.87 -29.98
N GLU B 62 -4.81 2.83 -30.83
CA GLU B 62 -4.09 2.51 -32.05
C GLU B 62 -2.74 1.88 -31.73
N ASN B 63 -2.02 2.44 -30.76
CA ASN B 63 -0.72 1.94 -30.34
C ASN B 63 -0.86 1.34 -28.95
N THR B 64 -1.24 0.06 -28.90
CA THR B 64 -1.47 -0.60 -27.62
C THR B 64 -0.18 -0.77 -26.83
N TRP B 65 0.97 -0.72 -27.52
CA TRP B 65 2.24 -0.94 -26.84
C TRP B 65 2.59 0.20 -25.89
N ILE B 66 1.94 1.36 -26.07
CA ILE B 66 2.27 2.52 -25.24
C ILE B 66 1.96 2.24 -23.78
N LEU B 67 0.74 1.76 -23.52
CA LEU B 67 0.35 1.48 -22.14
C LEU B 67 0.99 0.20 -21.62
N SER B 68 1.40 -0.70 -22.52
CA SER B 68 2.05 -1.93 -22.09
C SER B 68 3.42 -1.66 -21.48
N GLN B 69 4.01 -0.50 -21.74
CA GLN B 69 5.33 -0.21 -21.19
C GLN B 69 5.27 0.20 -19.72
N ILE B 70 4.10 0.56 -19.22
CA ILE B 70 3.95 0.93 -17.82
C ILE B 70 4.22 -0.25 -16.90
N PHE B 71 3.70 -1.42 -17.24
CA PHE B 71 3.76 -2.59 -16.37
C PHE B 71 4.95 -3.45 -16.74
N SER B 72 5.74 -3.84 -15.74
CA SER B 72 6.89 -4.70 -15.98
C SER B 72 6.45 -6.06 -16.51
N ASN B 73 5.39 -6.62 -15.95
CA ASN B 73 4.88 -7.89 -16.44
C ASN B 73 4.21 -7.70 -17.80
N PRO B 74 4.24 -8.70 -18.67
CA PRO B 74 3.58 -8.56 -19.97
C PRO B 74 2.08 -8.34 -19.80
N THR B 75 1.51 -7.50 -20.68
CA THR B 75 0.09 -7.23 -20.68
C THR B 75 -0.41 -7.21 -22.12
N VAL B 76 -1.67 -7.60 -22.29
CA VAL B 76 -2.34 -7.58 -23.58
C VAL B 76 -3.66 -6.85 -23.43
N LEU B 77 -4.03 -6.07 -24.44
CA LEU B 77 -5.26 -5.30 -24.38
C LEU B 77 -6.47 -6.23 -24.50
N ILE B 78 -7.51 -5.90 -23.72
CA ILE B 78 -8.76 -6.64 -23.73
C ILE B 78 -9.81 -5.82 -24.46
N ASN B 79 -10.49 -6.44 -25.42
CA ASN B 79 -11.48 -5.72 -26.21
C ASN B 79 -12.63 -5.26 -25.32
N ASP B 80 -13.26 -4.15 -25.73
CA ASP B 80 -14.35 -3.59 -24.94
C ASP B 80 -15.53 -4.55 -24.87
N GLU B 81 -15.77 -5.31 -25.94
CA GLU B 81 -16.89 -6.24 -25.96
C GLU B 81 -16.74 -7.32 -24.90
N ALA B 82 -15.50 -7.62 -24.50
CA ALA B 82 -15.26 -8.70 -23.55
C ALA B 82 -15.79 -8.37 -22.16
N TYR B 83 -15.91 -7.08 -21.83
CA TYR B 83 -16.40 -6.67 -20.51
C TYR B 83 -17.52 -5.64 -20.59
N VAL B 84 -18.36 -5.71 -21.63
CA VAL B 84 -19.50 -4.82 -21.74
C VAL B 84 -20.50 -5.09 -20.61
N VAL B 97 -13.93 5.38 -21.50
CA VAL B 97 -12.64 5.94 -21.89
C VAL B 97 -11.54 5.21 -21.10
N ASP B 98 -11.84 4.00 -20.68
CA ASP B 98 -10.92 3.19 -19.90
C ASP B 98 -10.39 2.04 -20.74
N PHE B 99 -9.28 1.48 -20.29
CA PHE B 99 -8.64 0.34 -20.94
C PHE B 99 -8.46 -0.77 -19.92
N LEU B 100 -8.46 -2.01 -20.42
CA LEU B 100 -8.28 -3.19 -19.58
C LEU B 100 -7.13 -4.01 -20.15
N TYR B 101 -6.00 -4.03 -19.44
CA TYR B 101 -4.85 -4.84 -19.82
C TYR B 101 -4.73 -6.03 -18.90
N ALA B 102 -4.48 -7.21 -19.49
CA ALA B 102 -4.47 -8.45 -18.75
C ALA B 102 -3.14 -9.18 -18.98
N ASN B 103 -2.62 -9.78 -17.92
CA ASN B 103 -1.42 -10.58 -18.05
C ASN B 103 -1.75 -11.87 -18.81
N PRO B 104 -1.08 -12.16 -19.92
CA PRO B 104 -1.40 -13.37 -20.70
C PRO B 104 -1.17 -14.66 -19.94
N PHE B 105 -0.36 -14.66 -18.89
CA PHE B 105 -0.05 -15.88 -18.15
C PHE B 105 -1.04 -16.14 -17.02
N SER B 106 -1.33 -15.12 -16.20
CA SER B 106 -2.18 -15.30 -15.03
C SER B 106 -3.58 -14.72 -15.20
N LYS B 107 -3.87 -14.10 -16.35
CA LYS B 107 -5.16 -13.50 -16.68
C LYS B 107 -5.55 -12.37 -15.74
N ASP B 108 -4.62 -11.88 -14.91
CA ASP B 108 -4.92 -10.76 -14.04
C ASP B 108 -5.04 -9.49 -14.84
N ALA B 109 -6.07 -8.69 -14.55
CA ALA B 109 -6.41 -7.52 -15.34
C ALA B 109 -6.17 -6.25 -14.52
N VAL B 110 -5.71 -5.22 -15.21
CA VAL B 110 -5.47 -3.90 -14.63
C VAL B 110 -6.30 -2.89 -15.40
N LEU B 111 -7.03 -2.05 -14.66
CA LEU B 111 -7.91 -1.05 -15.27
C LEU B 111 -7.17 0.29 -15.33
N ILE B 112 -7.20 0.93 -16.50
CA ILE B 112 -6.49 2.18 -16.74
C ILE B 112 -7.51 3.23 -17.15
N ALA B 113 -7.49 4.38 -16.47
CA ALA B 113 -8.36 5.50 -16.79
C ALA B 113 -7.52 6.61 -17.39
N ILE B 114 -7.97 7.15 -18.53
CA ILE B 114 -7.23 8.18 -19.27
C ILE B 114 -8.05 9.46 -19.25
N LYS B 115 -7.46 10.52 -18.72
CA LYS B 115 -8.02 11.86 -18.77
C LYS B 115 -7.26 12.68 -19.81
N THR B 116 -7.52 13.99 -19.84
CA THR B 116 -6.74 14.82 -20.77
C THR B 116 -5.45 15.30 -20.12
N PRO B 117 -4.42 15.60 -20.92
CA PRO B 117 -3.19 16.18 -20.36
C PRO B 117 -3.40 17.54 -19.72
N SER B 118 -4.49 18.23 -20.03
CA SER B 118 -4.78 19.54 -19.47
C SER B 118 -5.46 19.44 -18.11
N THR B 119 -5.62 18.23 -17.58
CA THR B 119 -6.26 18.05 -16.29
C THR B 119 -5.36 18.60 -15.18
N PRO B 120 -5.85 19.51 -14.34
CA PRO B 120 -5.03 20.02 -13.24
C PRO B 120 -4.64 18.92 -12.27
N LEU B 121 -3.42 19.01 -11.75
CA LEU B 121 -2.94 18.07 -10.74
C LEU B 121 -3.12 18.57 -9.32
N ILE B 122 -3.00 19.89 -9.11
CA ILE B 122 -3.16 20.50 -7.80
C ILE B 122 -4.12 21.68 -7.93
N THR B 123 -4.67 22.08 -6.79
CA THR B 123 -5.57 23.21 -6.76
C THR B 123 -4.80 24.50 -7.08
N PRO B 124 -5.48 25.49 -7.69
CA PRO B 124 -4.77 26.74 -8.00
C PRO B 124 -4.25 27.46 -6.76
N THR B 125 -5.12 27.69 -5.77
CA THR B 125 -4.71 28.32 -4.54
C THR B 125 -4.01 27.29 -3.64
N GLU B 126 -3.55 27.73 -2.48
CA GLU B 126 -2.83 26.90 -1.54
C GLU B 126 -3.59 26.82 -0.23
N TYR B 127 -3.71 25.61 0.32
CA TYR B 127 -4.36 25.44 1.61
C TYR B 127 -3.59 26.15 2.71
N ARG B 128 -2.29 25.89 2.79
CA ARG B 128 -1.38 26.57 3.70
C ARG B 128 -0.16 27.02 2.93
N THR B 129 0.64 27.89 3.55
CA THR B 129 1.86 28.38 2.93
C THR B 129 2.79 27.22 2.59
N GLY B 130 2.98 26.98 1.30
CA GLY B 130 3.79 25.87 0.84
C GLY B 130 3.07 24.55 0.73
N VAL B 131 1.79 24.49 1.08
CA VAL B 131 0.99 23.27 1.01
C VAL B 131 -0.12 23.48 0.00
N TYR B 132 -0.16 22.65 -1.02
CA TYR B 132 -1.16 22.74 -2.09
C TYR B 132 -1.97 21.46 -2.13
N SER B 133 -3.29 21.60 -2.13
CA SER B 133 -4.18 20.45 -2.18
C SER B 133 -4.25 19.89 -3.59
N ALA B 134 -4.45 18.57 -3.69
CA ALA B 134 -4.68 17.95 -4.98
C ALA B 134 -6.01 18.41 -5.55
N HIS B 135 -6.03 18.67 -6.86
CA HIS B 135 -7.22 19.22 -7.48
C HIS B 135 -8.35 18.19 -7.46
N LYS B 136 -9.59 18.70 -7.42
CA LYS B 136 -10.74 17.81 -7.33
C LYS B 136 -10.86 16.93 -8.56
N ASP B 137 -10.38 17.41 -9.72
CA ASP B 137 -10.42 16.59 -10.92
C ASP B 137 -9.56 15.34 -10.78
N LEU B 138 -8.38 15.49 -10.17
CA LEU B 138 -7.50 14.35 -9.97
C LEU B 138 -8.04 13.40 -8.90
N THR B 139 -8.51 13.96 -7.78
CA THR B 139 -9.04 13.12 -6.70
C THR B 139 -10.30 12.38 -7.15
N GLY B 140 -11.17 13.07 -7.89
CA GLY B 140 -12.37 12.41 -8.39
C GLY B 140 -12.05 11.31 -9.39
N ALA B 141 -11.03 11.53 -10.23
CA ALA B 141 -10.65 10.51 -11.20
C ALA B 141 -10.16 9.24 -10.52
N VAL B 142 -9.38 9.39 -9.44
CA VAL B 142 -8.89 8.22 -8.71
C VAL B 142 -10.05 7.44 -8.11
N THR B 143 -11.03 8.15 -7.54
CA THR B 143 -12.19 7.48 -6.96
C THR B 143 -12.98 6.73 -8.02
N GLN B 144 -13.16 7.35 -9.19
CA GLN B 144 -14.01 6.76 -10.21
C GLN B 144 -13.46 5.43 -10.71
N VAL B 145 -12.15 5.35 -10.93
CA VAL B 145 -11.56 4.12 -11.44
C VAL B 145 -11.67 3.00 -10.41
N LEU B 146 -11.60 3.35 -9.12
CA LEU B 146 -11.82 2.35 -8.07
C LEU B 146 -13.26 1.86 -8.09
N THR B 147 -14.21 2.76 -8.33
CA THR B 147 -15.61 2.35 -8.42
C THR B 147 -15.84 1.39 -9.58
N TYR B 148 -15.24 1.68 -10.72
CA TYR B 148 -15.38 0.78 -11.88
C TYR B 148 -14.73 -0.57 -11.61
N LYS B 149 -13.57 -0.56 -10.93
CA LYS B 149 -12.92 -1.82 -10.58
C LYS B 149 -13.79 -2.63 -9.64
N THR B 150 -14.44 -1.97 -8.68
CA THR B 150 -15.37 -2.65 -7.79
C THR B 150 -16.56 -3.21 -8.57
N THR B 151 -17.13 -2.40 -9.45
CA THR B 151 -18.28 -2.84 -10.24
C THR B 151 -17.90 -3.97 -11.19
N LEU B 152 -16.72 -3.88 -11.80
CA LEU B 152 -16.29 -4.92 -12.74
C LEU B 152 -16.12 -6.26 -12.03
N GLN B 153 -15.55 -6.25 -10.83
CA GLN B 153 -15.37 -7.49 -10.10
C GLN B 153 -16.70 -8.02 -9.58
N ARG B 154 -17.56 -7.14 -9.09
CA ARG B 154 -18.85 -7.56 -8.55
C ARG B 154 -19.75 -8.16 -9.63
N GLU B 155 -19.63 -7.70 -10.88
CA GLU B 155 -20.44 -8.20 -11.97
C GLU B 155 -19.64 -9.14 -12.88
N TYR B 156 -18.54 -9.71 -12.37
CA TYR B 156 -17.70 -10.55 -13.21
C TYR B 156 -18.42 -11.80 -13.66
N GLN B 157 -19.21 -12.42 -12.77
CA GLN B 157 -19.92 -13.64 -13.14
C GLN B 157 -20.92 -13.40 -14.27
N ASN B 158 -21.65 -12.29 -14.20
CA ASN B 158 -22.59 -11.95 -15.27
C ASN B 158 -21.85 -11.70 -16.57
N ILE B 159 -20.73 -10.97 -16.51
CA ILE B 159 -19.96 -10.69 -17.72
C ILE B 159 -19.34 -11.97 -18.26
N ASP B 160 -18.80 -12.81 -17.38
CA ASP B 160 -18.17 -14.06 -17.83
C ASP B 160 -19.20 -14.98 -18.48
N TYR B 161 -20.40 -15.06 -17.92
CA TYR B 161 -21.42 -15.93 -18.49
C TYR B 161 -21.91 -15.41 -19.84
N ASN B 162 -22.03 -14.09 -19.98
CA ASN B 162 -22.47 -13.51 -21.25
C ASN B 162 -21.47 -13.83 -22.36
N ASN B 163 -20.18 -13.75 -22.05
CA ASN B 163 -19.16 -14.11 -23.03
C ASN B 163 -19.28 -15.58 -23.43
N TYR B 164 -19.61 -16.44 -22.47
CA TYR B 164 -19.79 -17.86 -22.76
C TYR B 164 -20.94 -18.06 -23.76
N ARG B 165 -22.04 -17.36 -23.55
CA ARG B 165 -23.16 -17.46 -24.47
C ARG B 165 -22.81 -16.88 -25.84
N GLN B 166 -22.20 -15.69 -25.86
CA GLN B 166 -21.88 -15.04 -27.12
C GLN B 166 -20.69 -15.67 -27.82
N GLY B 167 -19.96 -16.56 -27.15
CA GLY B 167 -18.79 -17.18 -27.71
C GLY B 167 -17.50 -16.45 -27.43
N ILE B 168 -17.56 -15.26 -26.83
CA ILE B 168 -16.35 -14.51 -26.52
C ILE B 168 -15.57 -15.24 -25.44
N LYS B 169 -14.25 -15.32 -25.64
CA LYS B 169 -13.36 -16.00 -24.70
C LYS B 169 -12.84 -14.97 -23.71
N THR B 170 -13.35 -15.03 -22.48
CA THR B 170 -12.89 -14.12 -21.44
C THR B 170 -11.49 -14.49 -20.99
N ASP B 171 -10.56 -13.54 -21.12
CA ASP B 171 -9.16 -13.76 -20.78
C ASP B 171 -8.69 -12.89 -19.62
N PHE B 172 -9.58 -12.16 -18.97
CA PHE B 172 -9.22 -11.30 -17.85
C PHE B 172 -9.87 -11.81 -16.57
N ASP B 173 -9.08 -11.91 -15.51
CA ASP B 173 -9.56 -12.30 -14.20
C ASP B 173 -9.27 -11.17 -13.23
N ILE B 174 -10.29 -10.73 -12.50
CA ILE B 174 -10.11 -9.64 -11.54
C ILE B 174 -9.59 -10.23 -10.23
N ILE B 175 -8.28 -10.30 -10.09
CA ILE B 175 -7.67 -10.90 -8.90
C ILE B 175 -7.29 -9.83 -7.88
N THR B 176 -6.71 -8.72 -8.33
CA THR B 176 -6.25 -7.66 -7.46
C THR B 176 -6.83 -6.33 -7.90
N PRO B 177 -7.06 -5.40 -6.97
CA PRO B 177 -7.68 -4.11 -7.30
C PRO B 177 -6.67 -3.05 -7.73
N CYS B 178 -5.87 -3.37 -8.74
CA CYS B 178 -4.87 -2.43 -9.25
C CYS B 178 -5.47 -1.53 -10.32
N CYS B 179 -5.26 -0.23 -10.18
CA CYS B 179 -5.82 0.75 -11.11
C CYS B 179 -4.74 1.77 -11.45
N VAL B 180 -4.88 2.38 -12.62
CA VAL B 180 -3.97 3.41 -13.11
C VAL B 180 -4.78 4.60 -13.59
N VAL B 181 -4.36 5.80 -13.20
CA VAL B 181 -5.03 7.02 -13.62
C VAL B 181 -4.03 7.91 -14.37
N ILE B 182 -4.14 7.94 -15.70
CA ILE B 182 -3.26 8.79 -16.49
C ILE B 182 -3.94 10.13 -16.71
N ALA B 183 -3.31 11.20 -16.21
CA ALA B 183 -3.92 12.51 -16.29
C ALA B 183 -2.85 13.58 -16.05
N GLY B 184 -3.00 14.71 -16.72
CA GLY B 184 -2.16 15.86 -16.46
C GLY B 184 -0.74 15.70 -16.97
N MET B 185 0.04 16.76 -16.77
CA MET B 185 1.45 16.79 -17.15
C MET B 185 2.28 17.23 -15.95
N PHE B 186 3.42 16.57 -15.75
CA PHE B 186 4.29 16.90 -14.63
C PHE B 186 4.97 18.25 -14.83
N ASP B 187 5.08 18.71 -16.08
CA ASP B 187 5.77 19.96 -16.35
C ASP B 187 4.98 21.17 -15.84
N THR B 188 3.67 21.02 -15.67
CA THR B 188 2.87 22.13 -15.16
C THR B 188 3.24 22.49 -13.72
N LEU B 189 3.83 21.54 -12.99
CA LEU B 189 4.28 21.79 -11.63
C LEU B 189 5.61 22.53 -11.66
N THR B 190 5.57 23.85 -11.46
CA THR B 190 6.76 24.67 -11.59
C THR B 190 7.48 24.82 -10.26
N ASP B 191 6.79 25.34 -9.25
CA ASP B 191 7.41 25.57 -7.95
C ASP B 191 7.77 24.25 -7.28
N THR B 192 8.80 24.29 -6.45
CA THR B 192 9.20 23.09 -5.71
C THR B 192 8.11 22.67 -4.74
N ALA B 193 7.35 23.63 -4.19
CA ALA B 193 6.23 23.29 -3.33
C ALA B 193 5.16 22.53 -4.11
N HIS B 194 4.90 22.94 -5.36
CA HIS B 194 3.92 22.26 -6.18
C HIS B 194 4.33 20.81 -6.42
N ARG B 195 5.60 20.58 -6.77
CA ARG B 195 6.08 19.22 -7.00
C ARG B 195 6.04 18.40 -5.71
N HIS B 196 6.45 19.02 -4.59
CA HIS B 196 6.44 18.31 -3.32
C HIS B 196 5.03 17.95 -2.88
N SER B 197 4.09 18.90 -3.03
CA SER B 197 2.71 18.64 -2.63
C SER B 197 2.09 17.53 -3.46
N PHE B 198 2.31 17.56 -4.78
CA PHE B 198 1.76 16.53 -5.65
C PHE B 198 2.42 15.18 -5.39
N GLU B 199 3.73 15.18 -5.13
CA GLU B 199 4.43 13.92 -4.90
C GLU B 199 3.93 13.23 -3.63
N LEU B 200 3.57 14.01 -2.61
CA LEU B 200 3.00 13.44 -1.40
C LEU B 200 1.68 12.74 -1.69
N TYR B 201 0.85 13.35 -2.53
CA TYR B 201 -0.44 12.76 -2.86
C TYR B 201 -0.28 11.44 -3.59
N ARG B 202 0.65 11.35 -4.54
CA ARG B 202 0.82 10.17 -5.35
C ARG B 202 1.65 9.08 -4.67
N LYS B 203 2.18 9.34 -3.48
CA LYS B 203 2.88 8.33 -2.70
C LYS B 203 2.03 7.66 -1.65
N GLU B 204 0.93 8.29 -1.22
CA GLU B 204 0.06 7.70 -0.21
C GLU B 204 -1.01 6.79 -0.80
N LEU B 205 -1.18 6.80 -2.12
CA LEU B 205 -2.18 5.93 -2.74
C LEU B 205 -1.72 4.48 -2.68
N LYS B 206 -2.62 3.59 -2.28
CA LYS B 206 -2.29 2.18 -2.11
C LYS B 206 -2.33 1.41 -3.43
N ASN B 207 -3.49 1.42 -4.10
CA ASN B 207 -3.70 0.57 -5.26
C ASN B 207 -3.92 1.36 -6.56
N VAL B 208 -3.72 2.66 -6.54
CA VAL B 208 -3.87 3.50 -7.72
C VAL B 208 -2.54 4.18 -8.01
N THR B 209 -2.07 4.04 -9.25
CA THR B 209 -0.83 4.65 -9.70
C THR B 209 -1.18 5.81 -10.64
N VAL B 210 -0.95 7.03 -10.17
CA VAL B 210 -1.21 8.22 -10.98
C VAL B 210 0.04 8.51 -11.79
N ILE B 211 -0.09 8.50 -13.11
CA ILE B 211 1.02 8.76 -14.02
C ILE B 211 0.61 9.90 -14.95
N THR B 212 1.42 10.95 -14.99
CA THR B 212 1.15 12.05 -15.89
C THR B 212 1.47 11.65 -17.33
N PHE B 213 0.91 12.41 -18.28
CA PHE B 213 1.05 12.05 -19.68
C PHE B 213 2.51 12.12 -20.14
N ASP B 214 3.24 13.15 -19.71
CA ASP B 214 4.62 13.29 -20.14
C ASP B 214 5.46 12.12 -19.64
N GLU B 215 5.23 11.67 -18.41
CA GLU B 215 5.93 10.50 -17.90
C GLU B 215 5.61 9.26 -18.72
N LEU B 216 4.36 9.14 -19.19
CA LEU B 216 3.98 7.99 -20.01
C LEU B 216 4.78 7.95 -21.31
N PHE B 217 4.92 9.10 -21.97
CA PHE B 217 5.63 9.13 -23.24
C PHE B 217 7.14 9.22 -23.06
N GLU B 218 7.62 9.51 -21.84
CA GLU B 218 9.05 9.45 -21.59
C GLU B 218 9.58 8.04 -21.76
N ARG B 219 8.77 7.03 -21.41
CA ARG B 219 9.15 5.65 -21.68
C ARG B 219 9.25 5.40 -23.18
N VAL B 220 8.33 5.97 -23.95
CA VAL B 220 8.42 5.89 -25.41
C VAL B 220 9.68 6.60 -25.89
N LYS B 221 9.89 7.82 -25.40
CA LYS B 221 11.10 8.56 -25.79
C LYS B 221 12.35 7.89 -25.24
N GLY B 222 12.27 7.33 -24.03
CA GLY B 222 13.41 6.64 -23.46
C GLY B 222 13.82 5.43 -24.27
N LEU B 223 12.85 4.78 -24.92
CA LEU B 223 13.16 3.61 -25.74
C LEU B 223 14.07 3.99 -26.90
N ILE B 224 13.86 5.17 -27.49
CA ILE B 224 14.70 5.63 -28.59
C ILE B 224 16.15 5.76 -28.12
N LYS B 225 16.35 6.38 -26.94
CA LYS B 225 17.70 6.60 -26.45
C LYS B 225 18.41 5.28 -26.17
N LEU B 226 17.71 4.31 -25.60
CA LEU B 226 18.33 3.02 -25.31
C LEU B 226 18.74 2.31 -26.59
N LEU B 227 17.91 2.38 -27.63
CA LEU B 227 18.25 1.73 -28.89
C LEU B 227 19.48 2.37 -29.53
N GLU B 228 19.61 3.69 -29.45
CA GLU B 228 20.76 4.40 -29.99
C GLU B 228 22.04 4.02 -29.26
N GLY C 32 -16.24 -3.86 34.33
CA GLY C 32 -15.33 -2.78 34.02
C GLY C 32 -13.88 -3.23 33.95
N ILE C 33 -13.06 -2.71 34.88
CA ILE C 33 -11.65 -3.11 34.93
C ILE C 33 -11.53 -4.59 35.25
N ALA C 34 -12.34 -5.08 36.19
CA ALA C 34 -12.32 -6.50 36.54
C ALA C 34 -12.62 -7.37 35.32
N ASN C 35 -13.53 -6.91 34.46
CA ASN C 35 -13.80 -7.63 33.21
C ASN C 35 -12.57 -7.67 32.33
N LEU C 36 -11.85 -6.55 32.22
CA LEU C 36 -10.65 -6.51 31.40
C LEU C 36 -9.58 -7.45 31.92
N LYS C 37 -9.38 -7.46 33.25
CA LYS C 37 -8.38 -8.35 33.83
C LYS C 37 -8.78 -9.81 33.69
N LYS C 38 -10.08 -10.08 33.66
CA LYS C 38 -10.56 -11.45 33.46
C LYS C 38 -10.15 -11.96 32.08
N VAL C 39 -10.24 -11.12 31.06
CA VAL C 39 -9.87 -11.53 29.70
C VAL C 39 -8.40 -11.88 29.63
N LEU C 40 -7.55 -11.06 30.25
CA LEU C 40 -6.11 -11.33 30.24
C LEU C 40 -5.79 -12.64 30.95
N SER C 41 -6.57 -12.99 31.97
CA SER C 41 -6.36 -14.25 32.67
C SER C 41 -6.53 -15.44 31.73
N VAL C 42 -7.53 -15.37 30.86
CA VAL C 42 -7.71 -16.43 29.85
C VAL C 42 -6.55 -16.43 28.87
N TRP C 43 -6.14 -15.24 28.42
CA TRP C 43 -5.04 -15.14 27.46
C TRP C 43 -3.73 -15.61 28.07
N GLU C 44 -3.45 -15.19 29.31
CA GLU C 44 -2.21 -15.58 29.96
C GLU C 44 -2.16 -17.06 30.31
N SER C 45 -3.31 -17.73 30.34
CA SER C 45 -3.36 -19.14 30.69
C SER C 45 -3.27 -20.05 29.47
N ASN C 46 -3.79 -19.61 28.32
CA ASN C 46 -3.86 -20.45 27.13
C ASN C 46 -2.91 -20.03 26.02
N LYS C 47 -2.08 -19.00 26.23
CA LYS C 47 -1.24 -18.51 25.15
C LYS C 47 -0.19 -19.54 24.74
N LEU C 48 0.26 -20.35 25.68
CA LEU C 48 1.30 -21.34 25.41
C LEU C 48 0.80 -22.78 25.58
N THR C 49 -0.50 -22.96 25.79
CA THR C 49 -1.05 -24.30 25.95
C THR C 49 -2.06 -24.62 24.84
N ASN C 50 -3.04 -23.74 24.66
CA ASN C 50 -4.12 -24.01 23.71
C ASN C 50 -3.65 -23.83 22.28
N THR C 51 -3.82 -24.86 21.46
CA THR C 51 -3.44 -24.83 20.05
C THR C 51 -4.62 -25.10 19.13
N SER C 52 -5.84 -24.86 19.61
CA SER C 52 -7.04 -25.11 18.82
C SER C 52 -7.57 -23.78 18.30
N GLU C 53 -7.77 -23.69 16.98
CA GLU C 53 -8.22 -22.46 16.36
C GLU C 53 -9.64 -22.12 16.78
N LYS C 54 -10.46 -23.14 17.06
CA LYS C 54 -11.84 -22.90 17.44
C LYS C 54 -11.94 -22.16 18.77
N PHE C 55 -11.08 -22.52 19.73
CA PHE C 55 -11.15 -21.93 21.06
C PHE C 55 -10.93 -20.42 20.99
N TRP C 56 -9.92 -19.98 20.25
CA TRP C 56 -9.62 -18.56 20.17
C TRP C 56 -10.70 -17.81 19.41
N GLN C 57 -11.40 -18.50 18.51
CA GLN C 57 -12.59 -17.90 17.90
C GLN C 57 -13.66 -17.63 18.95
N SER C 58 -13.86 -18.57 19.86
CA SER C 58 -14.86 -18.41 20.91
C SER C 58 -14.52 -17.24 21.82
N VAL C 59 -13.24 -17.12 22.20
CA VAL C 59 -12.82 -16.07 23.12
C VAL C 59 -13.08 -14.70 22.51
N LEU C 60 -12.72 -14.51 21.25
CA LEU C 60 -12.94 -13.23 20.60
C LEU C 60 -14.42 -12.99 20.32
N LYS C 61 -15.17 -14.06 20.05
CA LYS C 61 -16.60 -13.90 19.80
C LYS C 61 -17.34 -13.50 21.07
N GLU C 62 -16.93 -14.06 22.20
CA GLU C 62 -17.54 -13.67 23.48
C GLU C 62 -17.29 -12.20 23.78
N ASN C 63 -16.07 -11.74 23.54
CA ASN C 63 -15.67 -10.36 23.80
C ASN C 63 -15.41 -9.69 22.47
N THR C 64 -16.47 -9.13 21.88
CA THR C 64 -16.36 -8.52 20.55
C THR C 64 -15.54 -7.23 20.60
N TRP C 65 -15.42 -6.63 21.79
CA TRP C 65 -14.69 -5.37 21.90
C TRP C 65 -13.20 -5.55 21.66
N ILE C 66 -12.69 -6.78 21.80
CA ILE C 66 -11.26 -7.02 21.65
C ILE C 66 -10.80 -6.68 20.23
N LEU C 67 -11.50 -7.21 19.23
CA LEU C 67 -11.11 -6.97 17.86
C LEU C 67 -11.47 -5.57 17.39
N SER C 68 -12.41 -4.92 18.06
CA SER C 68 -12.78 -3.55 17.70
C SER C 68 -11.73 -2.54 18.10
N GLN C 69 -10.76 -2.93 18.94
CA GLN C 69 -9.69 -2.03 19.34
C GLN C 69 -8.59 -1.92 18.29
N ILE C 70 -8.57 -2.82 17.30
CA ILE C 70 -7.60 -2.74 16.22
C ILE C 70 -7.84 -1.54 15.31
N PHE C 71 -9.09 -1.23 15.00
CA PHE C 71 -9.44 -0.20 14.05
C PHE C 71 -9.82 1.07 14.79
N SER C 72 -9.25 2.20 14.36
CA SER C 72 -9.57 3.48 14.98
C SER C 72 -11.03 3.84 14.78
N ASN C 73 -11.56 3.60 13.58
CA ASN C 73 -12.95 3.87 13.30
C ASN C 73 -13.85 2.90 14.06
N PRO C 74 -15.08 3.31 14.38
CA PRO C 74 -16.02 2.39 15.04
C PRO C 74 -16.30 1.18 14.17
N THR C 75 -16.46 0.02 14.83
CA THR C 75 -16.78 -1.22 14.14
C THR C 75 -17.78 -2.01 14.98
N VAL C 76 -18.60 -2.80 14.28
CA VAL C 76 -19.56 -3.69 14.93
C VAL C 76 -19.49 -5.04 14.24
N LEU C 77 -19.54 -6.11 15.03
CA LEU C 77 -19.46 -7.46 14.49
C LEU C 77 -20.72 -7.79 13.69
N ILE C 78 -20.52 -8.51 12.59
CA ILE C 78 -21.61 -8.97 11.73
C ILE C 78 -21.77 -10.46 11.94
N ASN C 79 -23.03 -10.89 12.14
CA ASN C 79 -23.31 -12.29 12.40
C ASN C 79 -22.92 -13.15 11.20
N ASP C 80 -22.48 -14.38 11.49
CA ASP C 80 -22.04 -15.27 10.41
C ASP C 80 -23.19 -15.61 9.47
N GLU C 81 -24.43 -15.54 9.94
CA GLU C 81 -25.57 -15.81 9.08
C GLU C 81 -25.69 -14.76 7.98
N ALA C 82 -25.28 -13.52 8.26
CA ALA C 82 -25.48 -12.43 7.32
C ALA C 82 -24.70 -12.64 6.03
N TYR C 83 -23.45 -13.08 6.13
CA TYR C 83 -22.58 -13.19 4.95
C TYR C 83 -22.29 -14.63 4.55
N VAL C 84 -23.02 -15.59 5.11
CA VAL C 84 -22.86 -16.99 4.69
C VAL C 84 -24.21 -17.57 4.28
N LEU C 96 -12.08 -22.36 8.03
CA LEU C 96 -11.25 -21.22 8.42
C LEU C 96 -12.04 -20.23 9.26
N VAL C 97 -11.49 -19.86 10.42
CA VAL C 97 -12.14 -18.91 11.30
C VAL C 97 -12.02 -17.51 10.71
N ASP C 98 -13.15 -16.83 10.60
CA ASP C 98 -13.18 -15.49 10.01
C ASP C 98 -14.24 -14.65 10.69
N PHE C 99 -13.88 -13.44 11.08
CA PHE C 99 -14.81 -12.45 11.60
C PHE C 99 -14.99 -11.32 10.59
N LEU C 100 -16.12 -10.63 10.70
CA LEU C 100 -16.47 -9.54 9.79
C LEU C 100 -16.98 -8.36 10.60
N TYR C 101 -16.19 -7.30 10.66
CA TYR C 101 -16.56 -6.07 11.33
C TYR C 101 -16.87 -4.99 10.30
N ALA C 102 -17.93 -4.23 10.56
CA ALA C 102 -18.38 -3.21 9.64
C ALA C 102 -18.55 -1.88 10.36
N ASN C 103 -18.17 -0.80 9.69
CA ASN C 103 -18.35 0.53 10.24
C ASN C 103 -19.84 0.83 10.33
N PRO C 104 -20.35 1.25 11.50
CA PRO C 104 -21.78 1.56 11.62
C PRO C 104 -22.23 2.73 10.76
N PHE C 105 -21.31 3.59 10.31
CA PHE C 105 -21.67 4.75 9.51
C PHE C 105 -21.61 4.46 8.01
N SER C 106 -20.46 4.04 7.50
CA SER C 106 -20.27 3.86 6.07
C SER C 106 -20.51 2.43 5.60
N LYS C 107 -20.81 1.52 6.52
CA LYS C 107 -21.09 0.11 6.24
C LYS C 107 -19.92 -0.64 5.62
N ASP C 108 -18.72 -0.03 5.60
CA ASP C 108 -17.56 -0.72 5.08
C ASP C 108 -17.15 -1.86 6.00
N ALA C 109 -16.82 -3.00 5.40
CA ALA C 109 -16.56 -4.23 6.13
C ALA C 109 -15.10 -4.60 6.05
N VAL C 110 -14.61 -5.21 7.14
CA VAL C 110 -13.24 -5.69 7.24
C VAL C 110 -13.27 -7.16 7.62
N LEU C 111 -12.48 -7.98 6.93
CA LEU C 111 -12.43 -9.41 7.18
C LEU C 111 -11.19 -9.74 8.01
N ILE C 112 -11.40 -10.45 9.11
CA ILE C 112 -10.34 -10.80 10.06
C ILE C 112 -10.23 -12.31 10.13
N ALA C 113 -9.03 -12.84 9.90
CA ALA C 113 -8.76 -14.27 9.99
C ALA C 113 -7.93 -14.54 11.23
N ILE C 114 -8.34 -15.54 12.01
CA ILE C 114 -7.71 -15.85 13.29
C ILE C 114 -7.06 -17.22 13.20
N LYS C 115 -5.77 -17.27 13.44
CA LYS C 115 -5.01 -18.52 13.55
C LYS C 115 -4.71 -18.79 15.03
N THR C 116 -3.89 -19.79 15.29
CA THR C 116 -3.51 -20.05 16.68
C THR C 116 -2.28 -19.22 17.06
N PRO C 117 -2.10 -18.91 18.35
CA PRO C 117 -0.88 -18.22 18.78
C PRO C 117 0.37 -19.05 18.55
N SER C 118 0.20 -20.35 18.36
CA SER C 118 1.31 -21.26 18.11
C SER C 118 1.71 -21.26 16.64
N THR C 119 1.07 -20.47 15.80
CA THR C 119 1.39 -20.41 14.39
C THR C 119 2.77 -19.78 14.20
N PRO C 120 3.71 -20.45 13.54
CA PRO C 120 5.03 -19.85 13.32
C PRO C 120 4.95 -18.59 12.46
N LEU C 121 5.79 -17.62 12.78
CA LEU C 121 5.82 -16.38 12.00
C LEU C 121 6.86 -16.46 10.90
N ILE C 122 8.02 -17.04 11.18
CA ILE C 122 9.11 -17.17 10.21
C ILE C 122 9.52 -18.63 10.12
N THR C 123 10.22 -18.95 9.03
CA THR C 123 10.71 -20.31 8.84
C THR C 123 11.77 -20.64 9.88
N PRO C 124 11.86 -21.90 10.30
CA PRO C 124 12.87 -22.27 11.31
C PRO C 124 14.29 -22.05 10.85
N THR C 125 14.60 -22.51 9.63
CA THR C 125 15.93 -22.30 9.07
C THR C 125 16.03 -20.90 8.47
N GLU C 126 17.21 -20.57 7.95
CA GLU C 126 17.47 -19.26 7.36
C GLU C 126 17.78 -19.43 5.88
N TYR C 127 17.18 -18.55 5.06
CA TYR C 127 17.46 -18.57 3.63
C TYR C 127 18.93 -18.26 3.36
N ARG C 128 19.38 -17.08 3.77
CA ARG C 128 20.78 -16.70 3.75
C ARG C 128 21.22 -16.33 5.16
N THR C 129 22.53 -16.13 5.31
CA THR C 129 23.08 -15.79 6.62
C THR C 129 22.46 -14.50 7.14
N GLY C 130 21.68 -14.62 8.21
CA GLY C 130 20.96 -13.49 8.76
C GLY C 130 19.66 -13.15 8.06
N VAL C 131 19.25 -13.93 7.07
CA VAL C 131 18.01 -13.69 6.34
C VAL C 131 17.09 -14.87 6.59
N TYR C 132 15.89 -14.59 7.10
CA TYR C 132 14.89 -15.61 7.42
C TYR C 132 13.62 -15.33 6.63
N SER C 133 13.05 -16.37 6.06
CA SER C 133 11.83 -16.27 5.27
C SER C 133 10.61 -16.41 6.16
N ALA C 134 9.51 -15.77 5.74
CA ALA C 134 8.25 -15.91 6.44
C ALA C 134 7.72 -17.33 6.29
N HIS C 135 7.18 -17.87 7.38
CA HIS C 135 6.72 -19.26 7.37
C HIS C 135 5.54 -19.42 6.43
N LYS C 136 5.45 -20.60 5.81
CA LYS C 136 4.38 -20.86 4.86
C LYS C 136 3.00 -20.76 5.51
N ASP C 137 2.93 -21.03 6.81
CA ASP C 137 1.66 -20.86 7.53
C ASP C 137 1.21 -19.41 7.53
N LEU C 138 2.16 -18.48 7.72
CA LEU C 138 1.81 -17.07 7.72
C LEU C 138 1.49 -16.58 6.31
N THR C 139 2.32 -16.96 5.33
CA THR C 139 2.09 -16.53 3.96
C THR C 139 0.81 -17.14 3.40
N GLY C 140 0.56 -18.41 3.70
CA GLY C 140 -0.66 -19.05 3.25
C GLY C 140 -1.90 -18.42 3.87
N ALA C 141 -1.80 -18.02 5.13
CA ALA C 141 -2.93 -17.37 5.79
C ALA C 141 -3.28 -16.05 5.13
N VAL C 142 -2.26 -15.28 4.70
CA VAL C 142 -2.51 -14.01 4.05
C VAL C 142 -3.21 -14.23 2.71
N THR C 143 -2.78 -15.23 1.95
CA THR C 143 -3.41 -15.52 0.68
C THR C 143 -4.87 -15.95 0.86
N GLN C 144 -5.13 -16.77 1.88
CA GLN C 144 -6.48 -17.30 2.08
C GLN C 144 -7.47 -16.19 2.40
N VAL C 145 -7.08 -15.26 3.27
CA VAL C 145 -8.00 -14.20 3.66
C VAL C 145 -8.29 -13.27 2.48
N LEU C 146 -7.31 -13.06 1.62
CA LEU C 146 -7.55 -12.28 0.41
C LEU C 146 -8.49 -13.02 -0.54
N THR C 147 -8.35 -14.34 -0.65
CA THR C 147 -9.23 -15.11 -1.50
C THR C 147 -10.68 -15.05 -1.01
N TYR C 148 -10.88 -15.16 0.30
CA TYR C 148 -12.22 -15.09 0.85
C TYR C 148 -12.81 -13.69 0.68
N LYS C 149 -11.97 -12.66 0.84
CA LYS C 149 -12.44 -11.29 0.60
C LYS C 149 -12.87 -11.09 -0.84
N THR C 150 -12.13 -11.66 -1.78
CA THR C 150 -12.50 -11.61 -3.19
C THR C 150 -13.84 -12.32 -3.41
N THR C 151 -13.98 -13.52 -2.85
CA THR C 151 -15.22 -14.27 -2.99
C THR C 151 -16.39 -13.53 -2.35
N LEU C 152 -16.17 -12.93 -1.18
CA LEU C 152 -17.24 -12.24 -0.48
C LEU C 152 -17.77 -11.06 -1.30
N GLN C 153 -16.87 -10.31 -1.94
CA GLN C 153 -17.31 -9.18 -2.76
C GLN C 153 -18.00 -9.67 -4.03
N ARG C 154 -17.45 -10.71 -4.66
CA ARG C 154 -18.02 -11.21 -5.90
C ARG C 154 -19.43 -11.77 -5.70
N GLU C 155 -19.66 -12.47 -4.59
CA GLU C 155 -20.96 -13.06 -4.30
C GLU C 155 -21.84 -12.13 -3.46
N TYR C 156 -21.51 -10.84 -3.40
CA TYR C 156 -22.27 -9.93 -2.56
C TYR C 156 -23.72 -9.80 -3.01
N GLN C 157 -23.95 -9.81 -4.32
CA GLN C 157 -25.31 -9.68 -4.83
C GLN C 157 -26.16 -10.86 -4.39
N ASN C 158 -25.63 -12.08 -4.48
CA ASN C 158 -26.36 -13.25 -4.00
C ASN C 158 -26.57 -13.19 -2.49
N ILE C 159 -25.54 -12.80 -1.75
CA ILE C 159 -25.63 -12.72 -0.29
C ILE C 159 -26.64 -11.66 0.11
N ASP C 160 -26.60 -10.50 -0.54
CA ASP C 160 -27.56 -9.44 -0.23
C ASP C 160 -28.98 -9.88 -0.55
N TYR C 161 -29.17 -10.58 -1.68
CA TYR C 161 -30.50 -11.04 -2.05
C TYR C 161 -31.02 -12.10 -1.08
N ASN C 162 -30.14 -13.01 -0.64
CA ASN C 162 -30.56 -14.05 0.28
C ASN C 162 -31.03 -13.46 1.61
N ASN C 163 -30.32 -12.44 2.09
CA ASN C 163 -30.73 -11.77 3.33
C ASN C 163 -32.10 -11.13 3.16
N TYR C 164 -32.37 -10.57 1.98
CA TYR C 164 -33.68 -9.98 1.72
C TYR C 164 -34.78 -11.03 1.81
N ARG C 165 -34.55 -12.22 1.25
CA ARG C 165 -35.55 -13.28 1.31
C ARG C 165 -35.71 -13.79 2.74
N GLN C 166 -34.58 -14.02 3.44
CA GLN C 166 -34.64 -14.52 4.81
C GLN C 166 -35.13 -13.46 5.79
N GLY C 167 -35.18 -12.19 5.37
CA GLY C 167 -35.60 -11.10 6.22
C GLY C 167 -34.48 -10.44 6.99
N ILE C 168 -33.25 -10.95 6.89
CA ILE C 168 -32.13 -10.37 7.62
C ILE C 168 -31.65 -9.11 6.90
N LYS C 169 -31.28 -8.11 7.68
CA LYS C 169 -30.73 -6.88 7.14
C LYS C 169 -29.25 -7.05 6.84
N THR C 170 -28.80 -6.38 5.79
CA THR C 170 -27.39 -6.43 5.37
C THR C 170 -26.77 -5.07 5.69
N ASP C 171 -26.04 -5.00 6.79
CA ASP C 171 -25.38 -3.79 7.22
C ASP C 171 -23.91 -3.73 6.83
N PHE C 172 -23.39 -4.74 6.14
CA PHE C 172 -22.01 -4.75 5.70
C PHE C 172 -21.94 -4.56 4.19
N ASP C 173 -20.97 -3.77 3.74
CA ASP C 173 -20.76 -3.51 2.33
C ASP C 173 -19.28 -3.62 2.04
N ILE C 174 -18.92 -4.37 1.00
CA ILE C 174 -17.52 -4.57 0.65
C ILE C 174 -17.07 -3.43 -0.25
N ILE C 175 -16.57 -2.36 0.36
CA ILE C 175 -16.11 -1.21 -0.41
C ILE C 175 -14.62 -1.28 -0.70
N THR C 176 -13.81 -1.69 0.27
CA THR C 176 -12.37 -1.73 0.13
C THR C 176 -11.84 -3.12 0.49
N PRO C 177 -10.75 -3.56 -0.15
CA PRO C 177 -10.22 -4.90 0.12
C PRO C 177 -9.26 -4.92 1.32
N CYS C 178 -9.81 -4.65 2.50
CA CYS C 178 -9.02 -4.63 3.73
C CYS C 178 -9.16 -5.97 4.45
N CYS C 179 -8.02 -6.55 4.83
CA CYS C 179 -8.00 -7.82 5.51
C CYS C 179 -7.03 -7.76 6.69
N VAL C 180 -7.30 -8.58 7.69
CA VAL C 180 -6.49 -8.67 8.90
C VAL C 180 -6.23 -10.14 9.20
N VAL C 181 -4.97 -10.47 9.51
CA VAL C 181 -4.59 -11.82 9.88
C VAL C 181 -3.99 -11.78 11.27
N ILE C 182 -4.48 -12.63 12.16
CA ILE C 182 -3.98 -12.73 13.53
C ILE C 182 -3.36 -14.10 13.71
N ALA C 183 -2.06 -14.14 13.92
CA ALA C 183 -1.35 -15.41 14.04
C ALA C 183 -0.06 -15.20 14.80
N GLY C 184 0.31 -16.21 15.60
CA GLY C 184 1.59 -16.21 16.28
C GLY C 184 1.74 -15.18 17.38
N MET C 185 2.93 -15.12 17.97
CA MET C 185 3.24 -14.14 19.01
C MET C 185 4.57 -13.49 18.67
N PHE C 186 4.65 -12.17 18.88
CA PHE C 186 5.89 -11.45 18.60
C PHE C 186 7.01 -11.84 19.55
N ASP C 187 6.68 -12.42 20.71
CA ASP C 187 7.71 -12.80 21.67
C ASP C 187 8.56 -13.96 21.17
N THR C 188 8.02 -14.78 20.25
CA THR C 188 8.77 -15.90 19.73
C THR C 188 9.95 -15.46 18.87
N LEU C 189 10.00 -14.20 18.46
CA LEU C 189 11.10 -13.67 17.68
C LEU C 189 12.17 -13.16 18.63
N THR C 190 13.15 -14.00 18.95
CA THR C 190 14.17 -13.68 19.94
C THR C 190 15.37 -12.98 19.31
N ASP C 191 15.96 -13.57 18.27
CA ASP C 191 17.12 -12.96 17.62
C ASP C 191 16.71 -11.68 16.90
N THR C 192 17.64 -10.72 16.87
CA THR C 192 17.36 -9.46 16.18
C THR C 192 17.13 -9.68 14.69
N ALA C 193 17.78 -10.70 14.12
CA ALA C 193 17.54 -11.05 12.73
C ALA C 193 16.11 -11.52 12.52
N HIS C 194 15.58 -12.31 13.48
CA HIS C 194 14.22 -12.81 13.36
C HIS C 194 13.21 -11.66 13.36
N ARG C 195 13.38 -10.69 14.26
CA ARG C 195 12.47 -9.55 14.30
C ARG C 195 12.59 -8.71 13.03
N HIS C 196 13.82 -8.48 12.56
CA HIS C 196 14.03 -7.69 11.36
C HIS C 196 13.40 -8.37 10.14
N SER C 197 13.57 -9.68 10.03
CA SER C 197 13.00 -10.41 8.90
C SER C 197 11.48 -10.34 8.91
N PHE C 198 10.87 -10.49 10.08
CA PHE C 198 9.42 -10.44 10.18
C PHE C 198 8.90 -9.03 9.92
N GLU C 199 9.62 -8.02 10.42
CA GLU C 199 9.18 -6.63 10.23
C GLU C 199 9.21 -6.25 8.76
N LEU C 200 10.20 -6.75 8.02
CA LEU C 200 10.25 -6.50 6.59
C LEU C 200 9.02 -7.06 5.89
N TYR C 201 8.61 -8.27 6.28
CA TYR C 201 7.47 -8.91 5.64
C TYR C 201 6.17 -8.18 5.97
N ARG C 202 5.95 -7.84 7.25
CA ARG C 202 4.66 -7.29 7.65
C ARG C 202 4.48 -5.86 7.13
N LYS C 203 5.56 -5.09 7.05
CA LYS C 203 5.46 -3.74 6.51
C LYS C 203 5.32 -3.76 5.00
N GLU C 204 5.71 -4.86 4.36
CA GLU C 204 5.68 -4.93 2.90
C GLU C 204 4.27 -5.13 2.36
N LEU C 205 3.39 -5.73 3.16
CA LEU C 205 2.04 -6.03 2.69
C LEU C 205 1.25 -4.74 2.44
N LYS C 206 0.40 -4.79 1.42
CA LYS C 206 -0.42 -3.65 1.04
C LYS C 206 -1.76 -3.61 1.77
N ASN C 207 -2.57 -4.66 1.62
CA ASN C 207 -3.94 -4.65 2.10
C ASN C 207 -4.19 -5.64 3.23
N VAL C 208 -3.14 -6.28 3.75
CA VAL C 208 -3.27 -7.24 4.85
C VAL C 208 -2.42 -6.76 6.00
N THR C 209 -3.03 -6.64 7.18
CA THR C 209 -2.34 -6.19 8.38
C THR C 209 -2.16 -7.38 9.31
N VAL C 210 -0.96 -7.96 9.31
CA VAL C 210 -0.67 -9.09 10.19
C VAL C 210 -0.42 -8.57 11.59
N ILE C 211 -1.17 -9.08 12.56
CA ILE C 211 -1.07 -8.69 13.96
C ILE C 211 -0.93 -9.95 14.79
N THR C 212 0.15 -10.05 15.56
CA THR C 212 0.34 -11.20 16.42
C THR C 212 -0.62 -11.13 17.61
N PHE C 213 -0.79 -12.27 18.28
CA PHE C 213 -1.76 -12.35 19.37
C PHE C 213 -1.36 -11.44 20.53
N ASP C 214 -0.07 -11.43 20.88
CA ASP C 214 0.37 -10.62 22.01
C ASP C 214 0.15 -9.13 21.75
N GLU C 215 0.36 -8.69 20.51
CA GLU C 215 0.07 -7.31 20.15
C GLU C 215 -1.41 -7.01 20.31
N LEU C 216 -2.27 -7.94 19.91
CA LEU C 216 -3.72 -7.74 20.05
C LEU C 216 -4.11 -7.61 21.51
N PHE C 217 -3.58 -8.48 22.37
CA PHE C 217 -3.96 -8.43 23.78
C PHE C 217 -3.16 -7.38 24.53
N GLU C 218 -2.09 -6.85 23.93
CA GLU C 218 -1.40 -5.71 24.53
C GLU C 218 -2.30 -4.49 24.59
N ARG C 219 -3.18 -4.32 23.59
CA ARG C 219 -4.16 -3.24 23.65
C ARG C 219 -5.12 -3.44 24.82
N VAL C 220 -5.48 -4.68 25.10
CA VAL C 220 -6.31 -4.97 26.28
C VAL C 220 -5.56 -4.58 27.54
N LYS C 221 -4.29 -4.98 27.65
CA LYS C 221 -3.48 -4.59 28.79
C LYS C 221 -3.20 -3.09 28.77
N GLY C 222 -3.01 -2.52 27.58
CA GLY C 222 -2.76 -1.09 27.48
C GLY C 222 -3.94 -0.26 27.96
N LEU C 223 -5.15 -0.74 27.70
CA LEU C 223 -6.33 -0.02 28.15
C LEU C 223 -6.39 0.03 29.67
N ILE C 224 -5.99 -1.05 30.34
CA ILE C 224 -6.00 -1.10 31.80
C ILE C 224 -5.05 -0.05 32.36
N LYS C 225 -3.84 0.03 31.80
CA LYS C 225 -2.83 0.95 32.32
C LYS C 225 -3.26 2.40 32.15
N LEU C 226 -3.89 2.73 31.02
CA LEU C 226 -4.36 4.08 30.79
C LEU C 226 -5.40 4.48 31.83
N LEU C 227 -6.33 3.58 32.14
CA LEU C 227 -7.32 3.86 33.17
C LEU C 227 -6.68 3.89 34.55
N GLU C 228 -5.73 3.00 34.80
CA GLU C 228 -5.03 2.97 36.08
C GLU C 228 -3.88 3.98 36.11
N GLN D 22 -9.56 -4.76 43.04
CA GLN D 22 -10.93 -4.84 43.51
C GLN D 22 -11.48 -3.45 43.84
N ASP D 23 -11.16 -2.98 45.04
CA ASP D 23 -11.58 -1.63 45.45
C ASP D 23 -10.93 -0.57 44.57
N LEU D 24 -9.65 -0.74 44.25
CA LEU D 24 -8.97 0.20 43.37
C LEU D 24 -9.57 0.18 41.97
N ASP D 25 -9.92 -1.01 41.48
CA ASP D 25 -10.47 -1.13 40.13
C ASP D 25 -11.79 -0.39 40.00
N GLN D 26 -12.65 -0.50 41.02
CA GLN D 26 -13.93 0.19 40.97
C GLN D 26 -13.76 1.70 40.96
N LEU D 27 -12.80 2.20 41.75
CA LEU D 27 -12.53 3.64 41.76
C LEU D 27 -12.01 4.11 40.40
N ASN D 28 -11.10 3.34 39.81
CA ASN D 28 -10.56 3.70 38.49
C ASN D 28 -11.63 3.61 37.42
N THR D 29 -12.50 2.60 37.52
CA THR D 29 -13.58 2.44 36.55
C THR D 29 -14.51 3.66 36.56
N LEU D 30 -14.87 4.13 37.76
CA LEU D 30 -15.73 5.30 37.87
C LEU D 30 -15.04 6.54 37.32
N ILE D 31 -13.74 6.69 37.58
CA ILE D 31 -13.01 7.84 37.08
C ILE D 31 -12.99 7.83 35.55
N GLY D 32 -12.72 6.66 34.96
CA GLY D 32 -12.72 6.56 33.51
C GLY D 32 -14.07 6.87 32.90
N ILE D 33 -15.14 6.32 33.49
CA ILE D 33 -16.48 6.58 32.99
C ILE D 33 -16.84 8.04 33.15
N ALA D 34 -16.49 8.64 34.29
CA ALA D 34 -16.79 10.05 34.53
C ALA D 34 -16.07 10.92 33.52
N ASN D 35 -14.81 10.61 33.23
CA ASN D 35 -14.05 11.37 32.24
C ASN D 35 -14.68 11.23 30.86
N LEU D 36 -15.04 10.00 30.48
CA LEU D 36 -15.61 9.77 29.16
C LEU D 36 -16.94 10.50 28.98
N LYS D 37 -17.80 10.46 30.01
CA LYS D 37 -19.08 11.13 29.91
C LYS D 37 -18.91 12.65 29.87
N LYS D 38 -17.86 13.16 30.52
CA LYS D 38 -17.60 14.60 30.48
C LYS D 38 -17.29 15.06 29.06
N VAL D 39 -16.50 14.29 28.33
CA VAL D 39 -16.15 14.65 26.96
C VAL D 39 -17.38 14.63 26.06
N LEU D 40 -18.23 13.60 26.22
CA LEU D 40 -19.44 13.52 25.42
C LEU D 40 -20.37 14.69 25.71
N SER D 41 -20.45 15.12 26.97
CA SER D 41 -21.28 16.26 27.31
C SER D 41 -20.82 17.52 26.58
N VAL D 42 -19.50 17.73 26.50
CA VAL D 42 -18.97 18.87 25.75
C VAL D 42 -19.26 18.68 24.26
N TRP D 43 -19.04 17.47 23.74
CA TRP D 43 -19.25 17.23 22.32
C TRP D 43 -20.70 17.44 21.91
N GLU D 44 -21.64 16.92 22.68
CA GLU D 44 -23.06 17.00 22.34
C GLU D 44 -23.69 18.33 22.73
N SER D 45 -22.94 19.24 23.32
CA SER D 45 -23.47 20.54 23.70
C SER D 45 -23.17 21.63 22.67
N ASN D 46 -22.05 21.53 21.95
CA ASN D 46 -21.71 22.56 20.98
C ASN D 46 -21.13 22.02 19.68
N LYS D 47 -21.49 20.80 19.28
CA LYS D 47 -21.02 20.29 17.99
C LYS D 47 -21.67 21.00 16.81
N LEU D 48 -22.75 21.74 17.04
CA LEU D 48 -23.45 22.46 15.97
C LEU D 48 -23.24 23.96 16.04
N THR D 49 -22.55 24.46 17.06
CA THR D 49 -22.40 25.90 17.23
C THR D 49 -20.94 26.33 17.12
N ASN D 50 -20.07 25.71 17.91
CA ASN D 50 -18.67 26.13 17.93
C ASN D 50 -17.92 25.55 16.73
N THR D 51 -17.37 26.44 15.91
CA THR D 51 -16.57 26.05 14.75
C THR D 51 -15.10 26.43 14.89
N SER D 52 -14.69 26.91 16.06
CA SER D 52 -13.30 27.31 16.26
C SER D 52 -12.39 26.08 16.28
N GLU D 53 -11.38 26.09 15.43
CA GLU D 53 -10.43 24.97 15.40
C GLU D 53 -9.64 24.89 16.70
N LYS D 54 -9.29 26.05 17.27
CA LYS D 54 -8.55 26.06 18.52
C LYS D 54 -9.36 25.43 19.66
N PHE D 55 -10.67 25.69 19.68
CA PHE D 55 -11.51 25.15 20.73
C PHE D 55 -11.48 23.63 20.74
N TRP D 56 -11.64 23.01 19.57
CA TRP D 56 -11.67 21.55 19.50
C TRP D 56 -10.29 20.95 19.71
N GLN D 57 -9.23 21.70 19.39
CA GLN D 57 -7.89 21.24 19.74
C GLN D 57 -7.69 21.20 21.24
N SER D 58 -8.20 22.21 21.95
CA SER D 58 -8.05 22.26 23.40
C SER D 58 -8.83 21.15 24.08
N VAL D 59 -10.05 20.88 23.62
CA VAL D 59 -10.88 19.86 24.25
C VAL D 59 -10.26 18.48 24.10
N LEU D 60 -9.74 18.17 22.91
CA LEU D 60 -9.22 16.84 22.63
C LEU D 60 -7.80 16.63 23.12
N LYS D 61 -7.13 17.68 23.59
CA LYS D 61 -5.78 17.52 24.12
C LYS D 61 -5.75 17.38 25.64
N GLU D 62 -6.84 17.75 26.32
CA GLU D 62 -6.96 17.51 27.76
C GLU D 62 -7.42 16.09 28.07
N ASN D 63 -7.83 15.33 27.07
CA ASN D 63 -8.29 13.96 27.21
C ASN D 63 -7.50 13.04 26.32
N THR D 64 -6.17 13.21 26.32
CA THR D 64 -5.32 12.49 25.38
C THR D 64 -5.32 10.98 25.65
N TRP D 65 -5.65 10.57 26.88
CA TRP D 65 -5.69 9.15 27.18
C TRP D 65 -6.74 8.43 26.33
N ILE D 66 -7.81 9.13 25.98
CA ILE D 66 -8.80 8.58 25.07
C ILE D 66 -8.18 8.34 23.70
N LEU D 67 -7.42 9.31 23.21
CA LEU D 67 -6.81 9.18 21.89
C LEU D 67 -5.74 8.08 21.87
N SER D 68 -5.09 7.82 23.00
CA SER D 68 -4.09 6.77 23.06
C SER D 68 -4.71 5.40 22.79
N GLN D 69 -5.89 5.14 23.36
CA GLN D 69 -6.54 3.86 23.15
C GLN D 69 -7.19 3.79 21.77
N ILE D 70 -7.77 4.90 21.31
CA ILE D 70 -8.47 4.90 20.02
C ILE D 70 -7.50 4.59 18.88
N PHE D 71 -6.34 5.24 18.90
CA PHE D 71 -5.34 5.06 17.85
C PHE D 71 -4.27 4.05 18.22
N SER D 72 -4.41 3.39 19.37
CA SER D 72 -3.52 2.30 19.79
C SER D 72 -2.06 2.73 19.80
N ASN D 73 -1.80 3.82 20.53
CA ASN D 73 -0.44 4.33 20.66
C ASN D 73 -0.31 5.13 21.95
N PRO D 74 0.60 4.74 22.85
CA PRO D 74 0.73 5.48 24.11
C PRO D 74 1.23 6.90 23.94
N THR D 75 1.85 7.22 22.81
CA THR D 75 2.43 8.54 22.58
C THR D 75 1.63 9.26 21.51
N VAL D 76 1.20 10.48 21.83
CA VAL D 76 0.37 11.30 20.94
C VAL D 76 1.00 12.67 20.83
N LEU D 77 1.12 13.18 19.60
CA LEU D 77 1.71 14.49 19.32
C LEU D 77 0.61 15.40 18.79
N ILE D 78 0.19 16.34 19.63
CA ILE D 78 -0.80 17.34 19.24
C ILE D 78 -0.12 18.71 19.22
N ASN D 79 -0.19 19.39 18.08
CA ASN D 79 0.48 20.68 17.84
C ASN D 79 1.96 20.48 18.13
N ASP D 80 2.56 21.20 19.08
CA ASP D 80 3.97 21.04 19.41
C ASP D 80 4.16 20.41 20.79
N GLU D 81 3.13 19.76 21.33
CA GLU D 81 3.19 19.16 22.65
C GLU D 81 3.10 17.65 22.52
N ALA D 82 3.86 16.95 23.36
CA ALA D 82 3.91 15.49 23.35
C ALA D 82 3.23 14.95 24.61
N TYR D 83 2.41 13.93 24.43
CA TYR D 83 1.68 13.28 25.53
C TYR D 83 2.00 11.80 25.51
N VAL D 84 2.44 11.28 26.65
CA VAL D 84 2.74 9.86 26.81
C VAL D 84 1.75 9.27 27.80
N GLY D 85 0.94 8.33 27.34
CA GLY D 85 -0.05 7.69 28.20
C GLY D 85 -1.05 8.66 28.80
N GLY D 86 -1.45 9.68 28.04
CA GLY D 86 -2.38 10.66 28.56
C GLY D 86 -1.78 11.66 29.52
N LYS D 87 -0.45 11.67 29.64
CA LYS D 87 0.24 12.57 30.55
C LYS D 87 1.08 13.56 29.75
N THR D 88 1.06 14.82 30.17
CA THR D 88 1.76 15.88 29.45
C THR D 88 3.25 15.82 29.77
N VAL D 89 4.07 15.58 28.74
CA VAL D 89 5.52 15.58 28.93
C VAL D 89 6.01 17.03 28.91
N LYS D 90 6.75 17.42 29.94
CA LYS D 90 7.23 18.80 30.08
C LYS D 90 8.60 18.91 29.43
N ASN D 91 8.59 19.30 28.16
CA ASN D 91 9.83 19.57 27.43
C ASN D 91 10.16 21.05 27.58
N ASP D 92 11.20 21.34 28.36
CA ASP D 92 11.57 22.73 28.61
C ASP D 92 12.13 23.39 27.35
N SER D 93 12.73 22.60 26.46
CA SER D 93 13.30 23.17 25.24
C SER D 93 12.25 23.78 24.33
N GLY D 94 11.02 23.26 24.35
CA GLY D 94 9.96 23.74 23.50
C GLY D 94 9.92 23.16 22.12
N LYS D 95 10.88 22.31 21.75
CA LYS D 95 10.93 21.68 20.44
C LYS D 95 10.45 20.24 20.59
N LEU D 96 9.46 19.85 19.79
CA LEU D 96 8.92 18.50 19.85
C LEU D 96 9.98 17.47 19.48
N VAL D 97 10.86 17.81 18.55
CA VAL D 97 11.87 16.87 18.08
C VAL D 97 12.85 16.53 19.21
N ASP D 98 13.14 17.51 20.07
CA ASP D 98 14.08 17.30 21.16
C ASP D 98 13.60 16.19 22.08
N PHE D 99 12.32 16.19 22.42
CA PHE D 99 11.76 15.11 23.22
C PHE D 99 11.85 13.77 22.49
N LEU D 100 11.54 13.77 21.19
CA LEU D 100 11.54 12.53 20.42
C LEU D 100 12.93 11.92 20.35
N TYR D 101 13.96 12.74 20.15
CA TYR D 101 15.32 12.23 20.13
C TYR D 101 15.78 11.82 21.53
N ALA D 102 15.37 12.57 22.54
CA ALA D 102 15.78 12.25 23.92
C ALA D 102 15.21 10.92 24.36
N ASN D 103 13.95 10.63 24.00
CA ASN D 103 13.28 9.41 24.42
C ASN D 103 13.14 8.46 23.22
N PRO D 104 13.97 7.41 23.14
CA PRO D 104 13.80 6.43 22.06
C PRO D 104 12.47 5.70 22.12
N PHE D 105 11.81 5.67 23.28
CA PHE D 105 10.50 5.02 23.37
C PHE D 105 9.48 5.71 22.48
N SER D 106 9.50 7.04 22.43
CA SER D 106 8.52 7.81 21.66
C SER D 106 9.09 8.07 20.27
N LYS D 107 9.03 7.04 19.43
CA LYS D 107 9.42 7.16 18.03
C LYS D 107 8.28 6.87 17.05
N ASP D 108 7.33 6.02 17.42
CA ASP D 108 6.18 5.73 16.58
C ASP D 108 4.94 6.51 17.02
N ALA D 109 5.14 7.71 17.56
CA ALA D 109 4.03 8.51 18.06
C ALA D 109 3.10 8.91 16.93
N VAL D 110 1.81 8.97 17.24
CA VAL D 110 0.79 9.33 16.26
C VAL D 110 0.64 10.84 16.22
N LEU D 111 0.87 11.43 15.05
CA LEU D 111 0.69 12.86 14.87
C LEU D 111 -0.77 13.13 14.52
N ILE D 112 -1.44 13.91 15.36
CA ILE D 112 -2.89 14.16 15.23
C ILE D 112 -3.11 15.63 14.94
N ALA D 113 -3.89 15.90 13.89
CA ALA D 113 -4.31 17.25 13.54
C ALA D 113 -5.80 17.35 13.79
N ILE D 114 -6.21 18.36 14.55
CA ILE D 114 -7.60 18.52 14.95
C ILE D 114 -8.17 19.74 14.23
N LYS D 115 -9.19 19.50 13.40
CA LYS D 115 -9.88 20.55 12.68
C LYS D 115 -11.28 20.73 13.26
N THR D 116 -11.99 21.72 12.74
CA THR D 116 -13.37 21.94 13.16
C THR D 116 -14.24 20.80 12.64
N PRO D 117 -15.29 20.41 13.38
CA PRO D 117 -16.20 19.37 12.87
C PRO D 117 -17.05 19.83 11.69
N SER D 118 -17.07 21.12 11.38
CA SER D 118 -17.81 21.63 10.24
C SER D 118 -17.05 21.51 8.93
N THR D 119 -15.83 20.98 8.95
CA THR D 119 -15.01 20.83 7.76
C THR D 119 -15.71 19.91 6.75
N PRO D 120 -15.94 20.36 5.53
CA PRO D 120 -16.53 19.48 4.52
C PRO D 120 -15.60 18.32 4.18
N LEU D 121 -16.21 17.19 3.80
CA LEU D 121 -15.47 15.99 3.45
C LEU D 121 -15.45 15.75 1.94
N ILE D 122 -16.56 15.97 1.25
CA ILE D 122 -16.65 15.77 -0.18
C ILE D 122 -17.20 17.03 -0.83
N THR D 123 -16.89 17.21 -2.11
CA THR D 123 -17.37 18.36 -2.84
C THR D 123 -18.89 18.32 -2.96
N PRO D 124 -19.57 19.45 -2.77
CA PRO D 124 -21.04 19.45 -2.88
C PRO D 124 -21.55 18.99 -4.24
N THR D 125 -20.84 19.35 -5.31
CA THR D 125 -21.23 18.92 -6.64
C THR D 125 -20.65 17.54 -6.94
N GLU D 126 -21.15 16.93 -8.01
CA GLU D 126 -20.73 15.59 -8.40
C GLU D 126 -19.66 15.66 -9.48
N TYR D 127 -18.55 14.96 -9.24
CA TYR D 127 -17.54 14.82 -10.29
C TYR D 127 -18.08 14.04 -11.46
N ARG D 128 -18.76 12.92 -11.20
CA ARG D 128 -19.46 12.14 -12.22
C ARG D 128 -20.79 11.66 -11.64
N THR D 129 -21.43 10.71 -12.32
CA THR D 129 -22.68 10.13 -11.84
C THR D 129 -22.34 9.09 -10.78
N GLY D 130 -22.48 9.47 -9.52
CA GLY D 130 -22.20 8.58 -8.41
C GLY D 130 -20.81 8.65 -7.84
N VAL D 131 -19.98 9.58 -8.29
CA VAL D 131 -18.61 9.74 -7.81
C VAL D 131 -18.47 11.15 -7.26
N TYR D 132 -17.95 11.26 -6.04
CA TYR D 132 -17.73 12.53 -5.37
C TYR D 132 -16.26 12.65 -4.99
N SER D 133 -15.67 13.81 -5.28
CA SER D 133 -14.27 14.04 -4.95
C SER D 133 -14.14 14.68 -3.58
N ALA D 134 -12.98 14.45 -2.96
CA ALA D 134 -12.73 14.98 -1.62
C ALA D 134 -12.66 16.50 -1.64
N HIS D 135 -13.16 17.11 -0.58
CA HIS D 135 -13.19 18.56 -0.49
C HIS D 135 -11.79 19.13 -0.31
N LYS D 136 -11.64 20.42 -0.61
CA LYS D 136 -10.35 21.08 -0.50
C LYS D 136 -9.83 21.03 0.93
N ASP D 137 -10.70 21.31 1.90
CA ASP D 137 -10.27 21.36 3.30
C ASP D 137 -9.79 20.00 3.78
N LEU D 138 -10.49 18.93 3.39
CA LEU D 138 -10.10 17.60 3.84
C LEU D 138 -8.76 17.18 3.26
N THR D 139 -8.60 17.33 1.95
CA THR D 139 -7.34 16.92 1.32
C THR D 139 -6.23 17.91 1.64
N GLY D 140 -6.57 19.15 1.98
CA GLY D 140 -5.57 20.10 2.43
C GLY D 140 -4.94 19.71 3.76
N ALA D 141 -5.76 19.23 4.68
CA ALA D 141 -5.25 18.79 5.99
C ALA D 141 -4.36 17.57 5.84
N VAL D 142 -4.72 16.65 4.94
CA VAL D 142 -3.94 15.43 4.75
C VAL D 142 -2.54 15.77 4.26
N THR D 143 -2.45 16.70 3.31
CA THR D 143 -1.14 17.13 2.83
C THR D 143 -0.38 17.89 3.92
N GLN D 144 -1.09 18.64 4.75
CA GLN D 144 -0.44 19.44 5.78
C GLN D 144 0.26 18.56 6.81
N VAL D 145 -0.41 17.49 7.26
CA VAL D 145 0.19 16.62 8.27
C VAL D 145 1.39 15.88 7.68
N LEU D 146 1.31 15.52 6.40
CA LEU D 146 2.47 14.90 5.74
C LEU D 146 3.63 15.88 5.65
N THR D 147 3.35 17.14 5.37
CA THR D 147 4.39 18.17 5.40
C THR D 147 4.96 18.32 6.80
N TYR D 148 4.10 18.31 7.81
CA TYR D 148 4.56 18.39 9.19
C TYR D 148 5.42 17.19 9.55
N LYS D 149 5.05 16.00 9.08
CA LYS D 149 5.82 14.80 9.35
C LYS D 149 7.21 14.89 8.75
N THR D 150 7.32 15.41 7.53
CA THR D 150 8.61 15.52 6.87
C THR D 150 9.53 16.50 7.62
N THR D 151 8.97 17.60 8.11
CA THR D 151 9.78 18.56 8.86
C THR D 151 10.34 17.94 10.13
N LEU D 152 9.52 17.16 10.85
CA LEU D 152 10.01 16.47 12.04
C LEU D 152 11.09 15.47 11.69
N GLN D 153 10.91 14.73 10.60
CA GLN D 153 11.95 13.80 10.15
C GLN D 153 13.22 14.54 9.77
N ARG D 154 13.09 15.68 9.09
CA ARG D 154 14.27 16.46 8.72
C ARG D 154 14.97 17.01 9.96
N GLU D 155 14.20 17.52 10.92
CA GLU D 155 14.80 18.06 12.14
C GLU D 155 15.43 16.96 12.98
N TYR D 156 14.83 15.78 12.98
CA TYR D 156 15.40 14.65 13.73
C TYR D 156 16.78 14.29 13.21
N GLN D 157 16.94 14.26 11.88
CA GLN D 157 18.25 14.01 11.31
C GLN D 157 19.22 15.15 11.63
N ASN D 158 18.72 16.38 11.60
CA ASN D 158 19.58 17.54 11.87
C ASN D 158 20.22 17.45 13.25
N ILE D 159 19.42 17.07 14.25
CA ILE D 159 19.97 16.81 15.58
C ILE D 159 20.91 15.62 15.55
N ASP D 160 20.50 14.56 14.84
CA ASP D 160 21.32 13.35 14.78
C ASP D 160 22.65 13.62 14.08
N TYR D 161 22.62 14.41 13.00
CA TYR D 161 23.85 14.75 12.31
C TYR D 161 24.77 15.58 13.20
N ASN D 162 24.21 16.50 13.98
CA ASN D 162 25.02 17.32 14.88
C ASN D 162 25.68 16.47 15.95
N ASN D 163 24.96 15.50 16.51
CA ASN D 163 25.53 14.64 17.53
C ASN D 163 26.68 13.82 16.98
N TYR D 164 26.53 13.31 15.75
CA TYR D 164 27.58 12.53 15.11
C TYR D 164 28.83 13.36 14.91
N ARG D 165 28.67 14.59 14.44
CA ARG D 165 29.83 15.46 14.23
C ARG D 165 30.49 15.83 15.55
N GLN D 166 29.69 16.21 16.55
CA GLN D 166 30.23 16.52 17.87
C GLN D 166 30.83 15.29 18.52
N GLY D 167 30.15 14.15 18.42
CA GLY D 167 30.62 12.91 19.02
C GLY D 167 29.53 12.16 19.76
N ASP D 173 18.54 7.30 13.88
CA ASP D 173 17.86 6.68 12.75
C ASP D 173 16.78 7.60 12.18
N ILE D 174 15.65 7.01 11.80
CA ILE D 174 14.52 7.74 11.24
C ILE D 174 13.34 7.61 12.19
N ILE D 175 12.73 8.74 12.53
CA ILE D 175 11.60 8.73 13.45
C ILE D 175 10.39 8.05 12.83
N THR D 176 10.10 8.35 11.56
CA THR D 176 8.97 7.88 10.75
C THR D 176 7.72 7.64 11.57
N PRO D 177 7.07 8.70 12.08
CA PRO D 177 5.86 8.53 12.87
C PRO D 177 4.64 8.32 11.98
N CYS D 178 3.48 8.27 12.62
CA CYS D 178 2.19 8.13 11.95
C CYS D 178 1.45 9.46 11.95
N CYS D 179 0.49 9.58 11.03
CA CYS D 179 -0.29 10.81 10.88
C CYS D 179 -1.77 10.49 10.91
N VAL D 180 -2.54 11.31 11.62
CA VAL D 180 -3.98 11.15 11.75
C VAL D 180 -4.65 12.52 11.61
N VAL D 181 -5.71 12.58 10.83
CA VAL D 181 -6.49 13.79 10.63
C VAL D 181 -7.90 13.57 11.15
N ILE D 182 -8.37 14.48 11.99
CA ILE D 182 -9.70 14.41 12.58
C ILE D 182 -10.47 15.64 12.13
N ALA D 183 -11.46 15.46 11.27
CA ALA D 183 -12.22 16.58 10.74
C ALA D 183 -13.52 16.07 10.14
N GLY D 184 -14.56 16.90 10.22
CA GLY D 184 -15.82 16.63 9.57
C GLY D 184 -16.72 15.70 10.36
N MET D 185 -17.96 15.57 9.88
CA MET D 185 -18.95 14.70 10.47
C MET D 185 -19.60 13.87 9.38
N PHE D 186 -20.03 12.66 9.73
CA PHE D 186 -20.70 11.80 8.76
C PHE D 186 -22.14 12.26 8.48
N ASP D 187 -22.65 13.22 9.24
CA ASP D 187 -24.01 13.70 9.02
C ASP D 187 -24.13 14.40 7.67
N THR D 188 -23.03 14.99 7.18
CA THR D 188 -23.07 15.66 5.88
C THR D 188 -23.29 14.64 4.76
N LEU D 189 -22.67 13.46 4.88
CA LEU D 189 -22.83 12.41 3.88
C LEU D 189 -24.20 11.79 4.03
N THR D 190 -25.16 12.24 3.22
CA THR D 190 -26.56 11.84 3.32
C THR D 190 -26.98 10.93 2.18
N ASP D 191 -26.04 10.17 1.62
CA ASP D 191 -26.36 9.27 0.52
C ASP D 191 -25.32 8.16 0.46
N THR D 192 -25.71 7.05 -0.18
CA THR D 192 -24.79 5.93 -0.32
C THR D 192 -23.58 6.30 -1.17
N ALA D 193 -23.80 7.09 -2.23
CA ALA D 193 -22.69 7.53 -3.07
C ALA D 193 -21.70 8.37 -2.28
N HIS D 194 -22.21 9.25 -1.41
CA HIS D 194 -21.33 10.08 -0.59
C HIS D 194 -20.45 9.22 0.32
N ARG D 195 -21.03 8.21 0.95
CA ARG D 195 -20.28 7.38 1.88
C ARG D 195 -19.25 6.52 1.14
N HIS D 196 -19.61 5.98 -0.01
CA HIS D 196 -18.66 5.20 -0.80
C HIS D 196 -17.49 6.06 -1.26
N SER D 197 -17.77 7.29 -1.70
CA SER D 197 -16.72 8.17 -2.18
C SER D 197 -15.74 8.51 -1.06
N PHE D 198 -16.26 8.80 0.13
CA PHE D 198 -15.40 9.14 1.26
C PHE D 198 -14.52 7.95 1.65
N GLU D 199 -15.09 6.74 1.67
CA GLU D 199 -14.32 5.57 2.04
C GLU D 199 -13.23 5.27 1.04
N LEU D 200 -13.53 5.41 -0.25
CA LEU D 200 -12.52 5.16 -1.27
C LEU D 200 -11.36 6.14 -1.18
N TYR D 201 -11.56 7.27 -0.51
CA TYR D 201 -10.50 8.25 -0.35
C TYR D 201 -9.60 7.92 0.86
N ARG D 202 -10.21 7.84 2.05
CA ARG D 202 -9.41 7.68 3.26
C ARG D 202 -8.78 6.30 3.36
N LYS D 203 -9.48 5.27 2.86
CA LYS D 203 -8.93 3.92 2.91
C LYS D 203 -7.78 3.73 1.92
N GLU D 204 -7.68 4.60 0.91
CA GLU D 204 -6.61 4.48 -0.07
C GLU D 204 -5.30 5.07 0.46
N LEU D 205 -5.38 5.95 1.46
CA LEU D 205 -4.17 6.54 2.02
C LEU D 205 -3.36 5.48 2.77
N LYS D 206 -2.03 5.62 2.70
CA LYS D 206 -1.13 4.69 3.35
C LYS D 206 -0.76 5.10 4.77
N ASN D 207 -0.17 6.28 4.94
CA ASN D 207 0.34 6.72 6.23
C ASN D 207 -0.56 7.74 6.90
N VAL D 208 -1.75 7.99 6.37
CA VAL D 208 -2.68 8.95 6.94
C VAL D 208 -4.00 8.24 7.23
N THR D 209 -4.52 8.44 8.43
CA THR D 209 -5.81 7.90 8.83
C THR D 209 -6.75 9.08 9.07
N VAL D 210 -7.88 9.08 8.38
CA VAL D 210 -8.89 10.13 8.52
C VAL D 210 -10.07 9.57 9.28
N ILE D 211 -10.41 10.21 10.41
CA ILE D 211 -11.54 9.81 11.24
C ILE D 211 -12.37 11.04 11.52
N THR D 212 -13.68 10.97 11.26
CA THR D 212 -14.54 12.11 11.46
C THR D 212 -14.80 12.33 12.95
N PHE D 213 -15.28 13.53 13.28
CA PHE D 213 -15.63 13.82 14.67
C PHE D 213 -16.76 12.94 15.17
N ASP D 214 -17.76 12.68 14.31
CA ASP D 214 -18.84 11.79 14.68
C ASP D 214 -18.33 10.38 14.94
N GLU D 215 -17.40 9.91 14.11
CA GLU D 215 -16.79 8.60 14.34
C GLU D 215 -15.90 8.63 15.60
N LEU D 216 -15.24 9.76 15.85
CA LEU D 216 -14.34 9.85 17.01
C LEU D 216 -15.10 9.66 18.31
N PHE D 217 -16.24 10.34 18.45
CA PHE D 217 -17.01 10.25 19.68
C PHE D 217 -17.96 9.05 19.71
N GLU D 218 -18.15 8.39 18.58
CA GLU D 218 -18.89 7.12 18.60
C GLU D 218 -18.11 6.05 19.36
N ARG D 219 -16.80 6.00 19.14
CA ARG D 219 -15.98 5.06 19.89
C ARG D 219 -15.85 5.46 21.35
N VAL D 220 -16.01 6.76 21.66
CA VAL D 220 -16.07 7.19 23.05
C VAL D 220 -17.27 6.57 23.75
N LYS D 221 -18.42 6.55 23.06
CA LYS D 221 -19.59 5.85 23.59
C LYS D 221 -19.32 4.37 23.75
N GLY D 222 -18.60 3.77 22.79
CA GLY D 222 -18.28 2.37 22.88
C GLY D 222 -17.43 2.03 24.08
N LEU D 223 -16.51 2.92 24.44
CA LEU D 223 -15.70 2.71 25.63
C LEU D 223 -16.56 2.73 26.89
N ILE D 224 -17.55 3.62 26.94
CA ILE D 224 -18.45 3.68 28.09
C ILE D 224 -19.23 2.38 28.22
N LYS D 225 -19.73 1.85 27.10
CA LYS D 225 -20.46 0.59 27.14
C LYS D 225 -19.56 -0.55 27.62
N LEU D 226 -18.30 -0.56 27.17
CA LEU D 226 -17.37 -1.59 27.62
C LEU D 226 -17.13 -1.49 29.13
N LEU D 227 -16.96 -0.29 29.64
CA LEU D 227 -16.70 -0.11 31.07
C LEU D 227 -17.98 -0.27 31.89
N GLU D 228 -19.04 0.41 31.49
CA GLU D 228 -20.30 0.36 32.22
C GLU D 228 -21.18 -0.78 31.71
#